data_2O25
#
_entry.id   2O25
#
_cell.length_a   41.874
_cell.length_b   68.498
_cell.length_c   91.277
_cell.angle_alpha   85.05
_cell.angle_beta   80.85
_cell.angle_gamma   75.83
#
_symmetry.space_group_name_H-M   'P 1'
#
loop_
_entity.id
_entity.type
_entity.pdbx_description
1 polymer 'Ubiquitin-conjugating enzyme E2-25 kDa'
2 polymer 'SUMO-1-conjugating enzyme UBC9'
3 water water
#
loop_
_entity_poly.entity_id
_entity_poly.type
_entity_poly.pdbx_seq_one_letter_code
_entity_poly.pdbx_strand_id
1 'polypeptide(L)'
;GSMANIAVQRIKREFKEVLKSEETSKNQIKVDLVDENFTELRGEIAGPPDTPYEGGRYQLEIKIPETYPFNPPKVRFITK
IWHPNISSVTGAICLDILKDQWAAAMTLRTVLLSLQALLAAAEPDDPQDAVVANQYKQNPEMFKQTARLWAHVYAGAPVS
SPEYTKKIENLCAMGFDRNAVIVALSSKSWDVETATELLLSN
;
A,B
2 'polypeptide(L)'
;GSMSGIALSRLAQERKAWRKDHPFGFVAVPTKNPDGTMNLMNWECAIPGKKGTPWEGGLFKLRMLFKDDYPSSPPKCKFE
PPLFHPNVYPSGTVCLSILEEDKDWRPAITIKQILLGIQELLNEPNIQDPAQAEAYTIYCQNRVEYEKRVRAQAKKFAPS
;
C,D
#
# COMPACT_ATOMS: atom_id res chain seq x y z
N MET A 3 1.41 10.72 34.39
CA MET A 3 1.85 12.15 34.20
C MET A 3 0.81 13.19 34.72
N ALA A 4 0.36 14.08 33.84
CA ALA A 4 -0.68 15.07 34.14
C ALA A 4 -2.07 14.42 34.00
N ASN A 5 -2.78 14.42 35.13
CA ASN A 5 -4.14 13.92 35.30
C ASN A 5 -5.00 13.95 34.02
N ILE A 6 -5.20 15.15 33.48
CA ILE A 6 -6.03 15.37 32.29
C ILE A 6 -5.60 14.52 31.07
N ALA A 7 -4.34 14.68 30.67
CA ALA A 7 -3.79 14.00 29.51
C ALA A 7 -3.81 12.47 29.68
N VAL A 8 -3.62 11.99 30.91
CA VAL A 8 -3.69 10.57 31.24
C VAL A 8 -5.06 9.95 30.93
N GLN A 9 -6.14 10.65 31.22
CA GLN A 9 -7.48 10.14 30.95
C GLN A 9 -7.78 10.17 29.46
N ARG A 10 -7.15 11.10 28.73
CA ARG A 10 -7.22 11.17 27.26
C ARG A 10 -6.63 9.91 26.67
N ILE A 11 -5.40 9.59 27.06
CA ILE A 11 -4.69 8.44 26.50
C ILE A 11 -5.53 7.19 26.70
N LYS A 12 -5.97 6.97 27.94
CA LYS A 12 -6.83 5.83 28.28
C LYS A 12 -8.13 5.79 27.48
N ARG A 13 -8.68 6.96 27.16
CA ARG A 13 -9.87 7.01 26.32
C ARG A 13 -9.50 6.60 24.88
N GLU A 14 -8.35 7.11 24.40
CA GLU A 14 -7.94 6.94 23.03
C GLU A 14 -7.48 5.50 22.85
N PHE A 15 -6.67 5.01 23.79
CA PHE A 15 -6.27 3.60 23.86
C PHE A 15 -7.47 2.66 23.78
N LYS A 16 -8.54 2.97 24.51
CA LYS A 16 -9.80 2.24 24.39
C LYS A 16 -10.46 2.45 23.01
N GLU A 17 -10.43 3.68 22.46
CA GLU A 17 -11.09 3.95 21.17
C GLU A 17 -10.54 3.03 20.09
N VAL A 18 -9.21 2.92 20.06
CA VAL A 18 -8.44 2.10 19.12
C VAL A 18 -8.70 0.62 19.32
N LEU A 19 -8.68 0.16 20.57
CA LEU A 19 -8.95 -1.24 20.89
C LEU A 19 -10.33 -1.69 20.38
N LYS A 20 -11.25 -0.75 20.23
CA LYS A 20 -12.64 -1.04 19.91
C LYS A 20 -12.97 -0.66 18.48
N SER A 21 -11.96 -0.16 17.79
CA SER A 21 -12.19 0.36 16.45
C SER A 21 -12.31 -0.79 15.45
N GLU A 22 -12.89 -0.47 14.32
CA GLU A 22 -13.15 -1.32 13.19
C GLU A 22 -11.83 -1.63 12.53
N GLU A 23 -11.04 -0.58 12.38
CA GLU A 23 -9.67 -0.66 11.91
C GLU A 23 -8.82 -1.72 12.70
N THR A 24 -9.05 -1.88 14.01
CA THR A 24 -8.32 -2.91 14.78
C THR A 24 -8.90 -4.29 14.56
N SER A 25 -10.22 -4.40 14.56
CA SER A 25 -10.82 -5.69 14.30
C SER A 25 -10.47 -6.21 12.90
N LYS A 26 -10.07 -5.30 12.01
CA LYS A 26 -9.65 -5.67 10.64
C LYS A 26 -8.15 -5.60 10.49
N ASN A 27 -7.49 -5.50 11.64
CA ASN A 27 -6.06 -5.66 11.77
C ASN A 27 -5.20 -4.62 11.03
N GLN A 28 -5.74 -3.43 10.84
CA GLN A 28 -5.07 -2.35 10.08
C GLN A 28 -4.21 -1.53 11.00
N ILE A 29 -4.67 -1.36 12.22
CA ILE A 29 -3.92 -0.67 13.23
C ILE A 29 -4.16 -1.38 14.54
N LYS A 30 -3.17 -1.25 15.43
CA LYS A 30 -3.32 -1.56 16.83
C LYS A 30 -2.42 -0.68 17.72
N VAL A 31 -2.78 -0.60 18.99
CA VAL A 31 -2.01 0.21 19.94
C VAL A 31 -1.99 -0.50 21.27
N ASP A 32 -0.85 -0.43 21.93
CA ASP A 32 -0.69 -0.98 23.28
C ASP A 32 0.06 0.01 24.19
N LEU A 33 -0.26 -0.02 25.46
CA LEU A 33 0.44 0.77 26.48
C LEU A 33 1.75 0.08 26.83
N VAL A 34 2.66 0.80 27.46
CA VAL A 34 3.85 0.19 28.06
C VAL A 34 3.77 0.17 29.60
N ASP A 35 3.85 1.36 30.20
CA ASP A 35 3.95 1.64 31.63
C ASP A 35 2.61 1.98 32.31
N GLU A 36 2.69 2.24 33.62
CA GLU A 36 1.63 2.90 34.39
C GLU A 36 1.47 4.35 33.94
N ASN A 37 2.55 4.93 33.41
CA ASN A 37 2.73 6.38 33.32
C ASN A 37 2.24 7.08 32.05
N PHE A 38 1.97 6.32 30.98
CA PHE A 38 1.36 6.87 29.77
C PHE A 38 2.22 7.90 29.06
N THR A 39 3.52 7.91 29.38
CA THR A 39 4.51 8.65 28.63
C THR A 39 4.84 7.92 27.31
N GLU A 40 4.43 6.64 27.17
CA GLU A 40 4.85 5.81 26.04
C GLU A 40 3.89 4.71 25.63
N LEU A 41 3.66 4.62 24.33
CA LEU A 41 2.75 3.66 23.73
C LEU A 41 3.51 2.92 22.64
N ARG A 42 2.99 1.75 22.29
CA ARG A 42 3.49 0.94 21.16
C ARG A 42 2.38 0.90 20.10
N GLY A 43 2.68 1.30 18.88
CA GLY A 43 1.70 1.27 17.77
C GLY A 43 2.05 0.27 16.66
N GLU A 44 1.06 -0.15 15.90
CA GLU A 44 1.32 -1.00 14.73
C GLU A 44 0.38 -0.65 13.62
N ILE A 45 0.90 -0.59 12.39
CA ILE A 45 0.06 -0.32 11.23
C ILE A 45 0.31 -1.36 10.14
N ALA A 46 -0.74 -1.68 9.41
CA ALA A 46 -0.63 -2.56 8.24
C ALA A 46 -0.26 -1.65 7.12
N GLY A 47 0.66 -2.08 6.27
CA GLY A 47 0.90 -1.35 5.00
C GLY A 47 -0.42 -1.33 4.20
N PRO A 48 -0.81 -0.17 3.61
CA PRO A 48 -2.09 -0.16 2.84
C PRO A 48 -2.07 -0.99 1.56
N PRO A 49 -3.22 -1.51 1.13
CA PRO A 49 -3.36 -2.21 -0.15
C PRO A 49 -2.88 -1.42 -1.37
N ASP A 50 -2.52 -2.15 -2.42
CA ASP A 50 -2.10 -1.55 -3.69
C ASP A 50 -0.83 -0.68 -3.62
N THR A 51 -0.11 -0.76 -2.50
CA THR A 51 1.09 0.02 -2.28
C THR A 51 2.27 -0.94 -2.20
N PRO A 52 3.52 -0.43 -2.36
CA PRO A 52 4.66 -1.30 -2.15
C PRO A 52 4.72 -1.92 -0.74
N TYR A 53 4.01 -1.35 0.23
CA TYR A 53 4.13 -1.78 1.62
C TYR A 53 3.08 -2.81 1.98
N GLU A 54 2.35 -3.26 0.98
CA GLU A 54 1.23 -4.17 1.20
C GLU A 54 1.72 -5.46 1.86
N GLY A 55 0.93 -5.97 2.81
CA GLY A 55 1.29 -7.12 3.62
C GLY A 55 2.35 -6.84 4.69
N GLY A 56 2.90 -5.63 4.70
CA GLY A 56 3.93 -5.28 5.71
C GLY A 56 3.28 -5.07 7.05
N ARG A 57 4.05 -5.09 8.12
CA ARG A 57 3.51 -4.66 9.42
C ARG A 57 4.57 -3.80 10.08
N TYR A 58 4.17 -2.60 10.49
CA TYR A 58 5.13 -1.65 11.01
C TYR A 58 4.97 -1.27 12.48
N GLN A 59 6.02 -1.55 13.27
CA GLN A 59 6.10 -1.24 14.69
C GLN A 59 6.47 0.25 14.87
N LEU A 60 5.63 0.95 15.63
CA LEU A 60 5.78 2.39 15.87
C LEU A 60 6.03 2.67 17.35
N GLU A 61 7.02 3.54 17.57
CA GLU A 61 7.32 4.03 18.88
C GLU A 61 6.59 5.38 19.00
N ILE A 62 5.65 5.44 19.95
CA ILE A 62 4.87 6.65 20.24
C ILE A 62 5.29 7.20 21.61
N LYS A 63 5.80 8.44 21.63
CA LYS A 63 6.08 9.15 22.88
C LYS A 63 5.18 10.36 23.05
N ILE A 64 4.74 10.56 24.28
CA ILE A 64 3.84 11.62 24.63
C ILE A 64 4.64 12.60 25.50
N PRO A 65 4.92 13.81 24.98
CA PRO A 65 5.67 14.83 25.72
C PRO A 65 4.85 15.51 26.80
N GLU A 66 5.53 16.22 27.69
CA GLU A 66 4.90 17.00 28.78
C GLU A 66 3.84 17.99 28.26
N THR A 67 4.01 18.48 27.03
CA THR A 67 3.12 19.51 26.47
C THR A 67 2.00 19.02 25.53
N TYR A 68 1.80 17.69 25.50
CA TYR A 68 0.62 17.06 24.89
C TYR A 68 -0.56 17.42 25.79
N PRO A 69 -1.74 17.77 25.21
CA PRO A 69 -2.20 17.69 23.80
C PRO A 69 -1.82 18.86 22.88
N PHE A 70 -1.24 19.90 23.44
CA PHE A 70 -1.01 21.08 22.61
C PHE A 70 0.16 20.98 21.62
N ASN A 71 1.19 20.24 22.02
CA ASN A 71 2.18 19.70 21.08
C ASN A 71 1.81 18.25 20.74
N PRO A 72 2.10 17.82 19.50
CA PRO A 72 1.81 16.46 19.04
C PRO A 72 2.61 15.36 19.73
N PRO A 73 2.15 14.07 19.66
CA PRO A 73 2.97 12.97 20.16
C PRO A 73 4.17 12.74 19.26
N LYS A 74 5.28 12.25 19.80
CA LYS A 74 6.48 12.00 18.99
C LYS A 74 6.52 10.56 18.48
N VAL A 75 6.34 10.43 17.17
CA VAL A 75 6.22 9.11 16.54
C VAL A 75 7.44 8.76 15.69
N ARG A 76 7.96 7.58 15.90
CA ARG A 76 9.12 7.11 15.17
C ARG A 76 8.83 5.66 14.74
N PHE A 77 9.35 5.30 13.57
CA PHE A 77 9.26 3.95 13.05
C PHE A 77 10.36 3.11 13.64
N ILE A 78 9.97 2.01 14.30
CA ILE A 78 10.92 1.03 14.78
C ILE A 78 11.28 0.12 13.61
N THR A 79 10.27 -0.37 12.91
CA THR A 79 10.47 -1.23 11.74
C THR A 79 11.02 -0.37 10.60
N LYS A 80 12.20 -0.68 10.08
CA LYS A 80 12.80 0.09 8.98
C LYS A 80 11.90 0.07 7.75
N ILE A 81 11.89 1.18 7.01
CA ILE A 81 11.01 1.38 5.86
C ILE A 81 11.67 2.32 4.82
N TRP A 82 11.40 2.07 3.52
CA TRP A 82 11.89 2.89 2.42
C TRP A 82 10.76 3.73 1.90
N HIS A 83 10.74 4.98 2.35
CA HIS A 83 9.68 5.91 2.05
C HIS A 83 10.30 7.32 2.09
N PRO A 84 9.97 8.18 1.12
CA PRO A 84 10.62 9.49 1.09
C PRO A 84 10.33 10.38 2.28
N ASN A 85 9.29 10.07 3.04
CA ASN A 85 8.84 10.93 4.15
C ASN A 85 9.17 10.33 5.53
N ILE A 86 9.89 9.20 5.54
CA ILE A 86 10.45 8.59 6.74
C ILE A 86 11.94 8.34 6.55
N SER A 87 12.75 8.63 7.57
CA SER A 87 14.18 8.28 7.52
C SER A 87 14.36 6.79 7.46
N SER A 88 14.98 6.33 6.38
CA SER A 88 15.38 4.93 6.19
C SER A 88 16.36 4.44 7.25
N VAL A 89 16.96 5.36 8.00
CA VAL A 89 18.01 5.03 8.99
C VAL A 89 17.49 5.01 10.44
N THR A 90 16.85 6.09 10.87
CA THR A 90 16.36 6.24 12.26
C THR A 90 14.86 5.98 12.43
N GLY A 91 14.12 6.01 11.33
CA GLY A 91 12.65 5.99 11.39
C GLY A 91 11.99 7.31 11.76
N ALA A 92 12.77 8.41 11.84
CA ALA A 92 12.20 9.73 12.04
C ALA A 92 11.17 9.98 10.94
N ILE A 93 10.07 10.63 11.30
CA ILE A 93 8.96 10.86 10.35
C ILE A 93 8.81 12.34 9.98
N CYS A 94 8.39 12.57 8.73
CA CYS A 94 8.02 13.90 8.30
C CYS A 94 6.61 13.81 7.76
N LEU A 95 5.65 14.03 8.66
CA LEU A 95 4.22 14.02 8.34
C LEU A 95 3.60 15.34 8.80
N ASP A 96 2.78 15.92 7.94
CA ASP A 96 2.15 17.21 8.20
C ASP A 96 1.45 17.32 9.56
N ILE A 97 0.72 16.27 9.97
CA ILE A 97 -0.13 16.38 11.16
C ILE A 97 0.58 16.24 12.52
N LEU A 98 1.87 15.90 12.48
CA LEU A 98 2.70 15.79 13.67
C LEU A 98 3.63 16.96 13.71
N LYS A 99 3.29 17.97 12.94
CA LYS A 99 4.18 19.06 12.67
C LYS A 99 3.31 20.31 12.75
N ASP A 100 3.04 20.95 11.61
CA ASP A 100 2.31 22.22 11.62
C ASP A 100 0.87 22.16 11.07
N GLN A 101 0.32 20.96 11.05
CA GLN A 101 -1.06 20.74 10.71
C GLN A 101 -1.70 19.98 11.90
N TRP A 102 -0.90 19.77 12.95
CA TRP A 102 -1.33 19.16 14.21
C TRP A 102 -2.42 19.98 14.89
N ALA A 103 -3.44 19.26 15.36
CA ALA A 103 -4.51 19.82 16.20
C ALA A 103 -4.78 18.90 17.40
N ALA A 104 -4.94 19.53 18.56
CA ALA A 104 -5.20 18.84 19.83
C ALA A 104 -6.40 17.87 19.86
N ALA A 105 -7.37 18.04 18.98
CA ALA A 105 -8.52 17.14 18.95
C ALA A 105 -8.18 15.80 18.24
N MET A 106 -6.93 15.64 17.79
CA MET A 106 -6.55 14.48 17.01
C MET A 106 -6.21 13.34 17.94
N THR A 107 -6.96 12.26 17.83
CA THR A 107 -6.77 11.06 18.61
C THR A 107 -5.53 10.28 18.16
N LEU A 108 -5.22 9.19 18.85
CA LEU A 108 -4.18 8.26 18.41
C LEU A 108 -4.66 7.45 17.21
N ARG A 109 -5.99 7.27 17.08
CA ARG A 109 -6.57 6.56 15.97
C ARG A 109 -6.34 7.34 14.67
N THR A 110 -6.72 8.62 14.73
CA THR A 110 -6.51 9.55 13.65
C THR A 110 -5.02 9.61 13.27
N VAL A 111 -4.13 9.63 14.27
CA VAL A 111 -2.70 9.66 13.97
C VAL A 111 -2.29 8.42 13.18
N LEU A 112 -2.71 7.24 13.66
CA LEU A 112 -2.30 5.96 13.07
C LEU A 112 -2.84 5.82 11.65
N LEU A 113 -4.08 6.26 11.41
CA LEU A 113 -4.68 6.18 10.10
C LEU A 113 -3.99 7.13 9.11
N SER A 114 -3.59 8.31 9.57
CA SER A 114 -2.85 9.28 8.75
C SER A 114 -1.50 8.72 8.34
N LEU A 115 -0.82 8.03 9.25
CA LEU A 115 0.43 7.38 8.89
C LEU A 115 0.23 6.32 7.81
N GLN A 116 -0.90 5.58 7.86
CA GLN A 116 -1.20 4.63 6.80
C GLN A 116 -1.41 5.37 5.49
N ALA A 117 -1.98 6.57 5.58
CA ALA A 117 -2.34 7.34 4.41
C ALA A 117 -1.07 7.91 3.76
N LEU A 118 -0.13 8.33 4.59
CA LEU A 118 1.14 8.85 4.13
C LEU A 118 1.91 7.76 3.35
N LEU A 119 1.77 6.52 3.80
CA LEU A 119 2.29 5.34 3.07
C LEU A 119 1.68 5.11 1.67
N ALA A 120 0.50 5.65 1.41
CA ALA A 120 -0.13 5.48 0.09
C ALA A 120 -0.04 6.75 -0.75
N ALA A 121 0.63 7.76 -0.18
CA ALA A 121 0.72 9.05 -0.81
C ALA A 121 1.94 9.78 -0.32
N ALA A 122 3.08 9.56 -0.99
CA ALA A 122 4.31 10.27 -0.64
C ALA A 122 4.26 11.78 -0.97
N GLU A 123 5.07 12.58 -0.24
CA GLU A 123 5.30 14.00 -0.56
C GLU A 123 6.79 14.26 -0.83
N PRO A 124 7.30 13.82 -2.00
CA PRO A 124 8.74 13.90 -2.28
C PRO A 124 9.23 15.34 -2.37
N ASP A 125 8.31 16.29 -2.46
CA ASP A 125 8.68 17.70 -2.46
C ASP A 125 8.85 18.27 -1.04
N ASP A 126 8.74 17.39 -0.04
CA ASP A 126 9.03 17.73 1.36
C ASP A 126 9.63 16.51 2.09
N PRO A 127 10.93 16.22 1.83
CA PRO A 127 11.47 14.89 2.16
C PRO A 127 12.15 14.76 3.52
N GLN A 128 12.03 13.56 4.11
CA GLN A 128 12.83 13.17 5.28
C GLN A 128 14.15 12.49 4.87
N ASP A 129 14.13 11.73 3.77
CA ASP A 129 15.32 11.05 3.26
C ASP A 129 15.67 11.53 1.84
N ALA A 130 16.80 12.25 1.73
CA ALA A 130 17.26 12.82 0.46
C ALA A 130 17.41 11.74 -0.61
N VAL A 131 18.20 10.72 -0.29
CA VAL A 131 18.49 9.64 -1.21
C VAL A 131 17.21 8.99 -1.72
N VAL A 132 16.25 8.75 -0.82
CA VAL A 132 15.01 8.06 -1.16
C VAL A 132 14.10 8.92 -2.04
N ALA A 133 13.86 10.16 -1.61
CA ALA A 133 13.08 11.13 -2.38
C ALA A 133 13.58 11.28 -3.82
N ASN A 134 14.90 11.39 -3.99
CA ASN A 134 15.52 11.49 -5.31
C ASN A 134 15.35 10.21 -6.10
N GLN A 135 15.39 9.05 -5.43
CA GLN A 135 15.11 7.78 -6.10
C GLN A 135 13.63 7.69 -6.52
N TYR A 136 12.75 8.28 -5.71
CA TYR A 136 11.31 8.35 -6.00
C TYR A 136 11.03 9.15 -7.27
N LYS A 137 11.49 10.40 -7.30
CA LYS A 137 11.21 11.33 -8.40
C LYS A 137 11.90 10.92 -9.71
N GLN A 138 13.22 10.76 -9.67
CA GLN A 138 14.00 10.37 -10.84
C GLN A 138 13.65 8.98 -11.40
N ASN A 139 13.31 8.03 -10.53
CA ASN A 139 13.02 6.66 -10.99
C ASN A 139 11.94 5.92 -10.20
N PRO A 140 10.65 6.24 -10.46
CA PRO A 140 9.50 5.64 -9.77
C PRO A 140 9.46 4.12 -9.71
N GLU A 141 9.76 3.45 -10.82
CA GLU A 141 9.65 2.00 -10.87
C GLU A 141 10.67 1.35 -9.96
N MET A 142 11.89 1.89 -9.95
CA MET A 142 12.92 1.42 -9.03
C MET A 142 12.52 1.69 -7.60
N PHE A 143 11.88 2.83 -7.38
CA PHE A 143 11.47 3.13 -6.02
C PHE A 143 10.43 2.12 -5.52
N LYS A 144 9.47 1.78 -6.37
CA LYS A 144 8.46 0.80 -6.02
C LYS A 144 9.08 -0.55 -5.69
N GLN A 145 10.05 -1.00 -6.49
CA GLN A 145 10.70 -2.28 -6.20
C GLN A 145 11.52 -2.24 -4.91
N THR A 146 12.31 -1.17 -4.72
CA THR A 146 13.13 -1.00 -3.52
C THR A 146 12.30 -0.99 -2.26
N ALA A 147 11.22 -0.22 -2.25
CA ALA A 147 10.35 -0.17 -1.07
C ALA A 147 9.74 -1.54 -0.75
N ARG A 148 9.36 -2.24 -1.82
CA ARG A 148 8.71 -3.55 -1.72
C ARG A 148 9.65 -4.59 -1.11
N LEU A 149 10.94 -4.49 -1.45
CA LEU A 149 11.96 -5.36 -0.87
C LEU A 149 12.09 -5.14 0.64
N TRP A 150 12.13 -3.87 1.07
CA TRP A 150 12.24 -3.53 2.49
C TRP A 150 11.01 -4.07 3.21
N ALA A 151 9.83 -3.88 2.61
CA ALA A 151 8.58 -4.38 3.17
C ALA A 151 8.66 -5.87 3.42
N HIS A 152 9.21 -6.59 2.45
CA HIS A 152 9.49 -7.98 2.63
C HIS A 152 10.55 -8.30 3.71
N VAL A 153 11.73 -7.66 3.69
CA VAL A 153 12.76 -8.10 4.63
C VAL A 153 12.53 -7.65 6.06
N TYR A 154 12.12 -6.40 6.25
CA TYR A 154 11.92 -5.85 7.60
C TYR A 154 10.53 -5.95 8.18
N ALA A 155 9.51 -5.84 7.32
CA ALA A 155 8.14 -5.76 7.80
C ALA A 155 7.29 -7.01 7.53
N GLY A 156 7.91 -8.08 7.06
CA GLY A 156 7.21 -9.34 6.80
C GLY A 156 6.24 -9.42 5.61
N ALA A 157 6.43 -8.62 4.56
CA ALA A 157 5.56 -8.69 3.35
C ALA A 157 6.00 -9.77 2.35
N PRO A 158 5.03 -10.40 1.65
CA PRO A 158 5.36 -11.44 0.67
C PRO A 158 6.51 -11.03 -0.25
N VAL A 159 7.30 -12.02 -0.64
CA VAL A 159 8.64 -11.80 -1.23
C VAL A 159 8.70 -10.88 -2.48
N SER A 160 9.87 -10.24 -2.65
CA SER A 160 10.09 -9.25 -3.71
C SER A 160 10.66 -9.76 -5.04
N SER A 161 11.44 -8.87 -5.66
CA SER A 161 11.98 -9.03 -6.99
C SER A 161 13.22 -9.89 -6.96
N PRO A 162 13.21 -10.99 -7.73
CA PRO A 162 14.34 -11.87 -7.92
C PRO A 162 15.64 -11.10 -8.13
N GLU A 163 15.58 -10.05 -8.94
CA GLU A 163 16.73 -9.21 -9.28
C GLU A 163 17.44 -8.73 -8.04
N TYR A 164 16.69 -8.06 -7.19
CA TYR A 164 17.26 -7.39 -6.03
C TYR A 164 17.87 -8.36 -5.04
N THR A 165 17.20 -9.48 -4.82
CA THR A 165 17.67 -10.49 -3.89
C THR A 165 18.89 -11.26 -4.43
N LYS A 166 18.94 -11.53 -5.74
CA LYS A 166 20.11 -12.15 -6.35
C LYS A 166 21.34 -11.34 -5.99
N LYS A 167 21.25 -10.02 -6.18
CA LYS A 167 22.34 -9.08 -5.88
C LYS A 167 22.71 -9.06 -4.39
N ILE A 168 21.71 -9.15 -3.52
CA ILE A 168 21.96 -9.19 -2.08
C ILE A 168 22.70 -10.47 -1.68
N GLU A 169 22.15 -11.63 -2.02
N GLU A 169 22.13 -11.62 -2.02
CA GLU A 169 22.78 -12.91 -1.66
CA GLU A 169 22.74 -12.92 -1.72
C GLU A 169 24.05 -13.23 -2.47
C GLU A 169 24.13 -13.05 -2.33
N ASN A 170 24.34 -12.37 -3.46
CA ASN A 170 25.63 -12.35 -4.15
C ASN A 170 26.67 -11.59 -3.31
N LEU A 171 26.25 -10.47 -2.76
CA LEU A 171 27.15 -9.66 -1.93
C LEU A 171 27.30 -10.23 -0.53
N CYS A 172 26.25 -10.85 0.00
CA CYS A 172 26.34 -11.51 1.30
C CYS A 172 27.17 -12.79 1.21
N ALA A 173 27.22 -13.41 0.02
CA ALA A 173 28.07 -14.59 -0.19
C ALA A 173 29.53 -14.16 -0.22
N MET A 174 29.78 -12.93 -0.69
CA MET A 174 31.10 -12.30 -0.61
C MET A 174 31.56 -12.02 0.83
N GLY A 175 30.65 -12.12 1.80
CA GLY A 175 31.02 -11.98 3.20
C GLY A 175 30.50 -10.76 3.93
N PHE A 176 29.91 -9.82 3.20
CA PHE A 176 29.36 -8.61 3.81
C PHE A 176 28.06 -8.84 4.61
N ASP A 177 27.75 -7.89 5.49
CA ASP A 177 26.59 -7.86 6.39
C ASP A 177 25.33 -7.54 5.57
N ARG A 178 24.26 -8.33 5.76
CA ARG A 178 23.03 -8.17 4.95
C ARG A 178 22.56 -6.72 4.98
N ASN A 179 22.23 -6.22 6.17
CA ASN A 179 21.72 -4.84 6.33
C ASN A 179 22.58 -3.79 5.66
N ALA A 180 23.90 -3.92 5.82
CA ALA A 180 24.83 -3.05 5.15
C ALA A 180 24.68 -3.19 3.63
N VAL A 181 24.63 -4.44 3.14
CA VAL A 181 24.46 -4.73 1.72
C VAL A 181 23.16 -4.11 1.22
N ILE A 182 22.06 -4.43 1.89
CA ILE A 182 20.76 -3.91 1.46
C ILE A 182 20.80 -2.39 1.37
N VAL A 183 21.30 -1.72 2.39
CA VAL A 183 21.44 -0.26 2.38
C VAL A 183 22.24 0.22 1.17
N ALA A 184 23.40 -0.37 0.95
CA ALA A 184 24.28 0.02 -0.15
C ALA A 184 23.54 -0.01 -1.50
N LEU A 185 22.99 -1.17 -1.83
CA LEU A 185 22.30 -1.35 -3.10
C LEU A 185 21.15 -0.37 -3.23
N SER A 186 20.36 -0.25 -2.15
CA SER A 186 19.22 0.64 -2.16
C SER A 186 19.69 2.04 -2.45
N SER A 187 20.79 2.46 -1.80
CA SER A 187 21.31 3.82 -1.93
C SER A 187 21.98 4.08 -3.27
N LYS A 188 22.82 3.14 -3.71
CA LYS A 188 23.56 3.29 -4.95
C LYS A 188 22.76 2.78 -6.15
N SER A 189 21.45 2.79 -5.97
CA SER A 189 20.46 2.47 -6.99
C SER A 189 20.71 1.17 -7.80
N TRP A 190 20.97 0.10 -7.04
CA TRP A 190 21.06 -1.31 -7.51
C TRP A 190 22.18 -1.62 -8.53
N ASP A 191 23.11 -0.68 -8.67
CA ASP A 191 24.32 -0.90 -9.45
C ASP A 191 25.30 -1.58 -8.50
N VAL A 192 25.70 -2.79 -8.88
CA VAL A 192 26.60 -3.62 -8.08
C VAL A 192 27.96 -2.94 -7.88
N GLU A 193 28.56 -2.46 -8.98
CA GLU A 193 29.92 -1.91 -8.93
C GLU A 193 30.06 -0.82 -7.87
N THR A 194 29.16 0.16 -7.87
CA THR A 194 29.29 1.28 -6.93
C THR A 194 28.97 0.91 -5.49
N ALA A 195 27.89 0.17 -5.28
CA ALA A 195 27.54 -0.28 -3.92
C ALA A 195 28.70 -1.05 -3.30
N THR A 196 29.35 -1.88 -4.11
CA THR A 196 30.51 -2.68 -3.71
C THR A 196 31.68 -1.80 -3.23
N GLU A 197 31.96 -0.70 -3.92
CA GLU A 197 33.04 0.18 -3.48
C GLU A 197 32.65 0.96 -2.22
N LEU A 198 31.34 1.13 -2.01
CA LEU A 198 30.82 1.76 -0.80
C LEU A 198 31.00 0.84 0.40
N LEU A 199 30.67 -0.45 0.22
CA LEU A 199 30.77 -1.41 1.29
C LEU A 199 32.20 -1.58 1.80
N LEU A 200 33.16 -1.23 0.97
CA LEU A 200 34.53 -1.25 1.39
C LEU A 200 34.80 0.09 2.12
N SER A 201 34.85 1.20 1.37
CA SER A 201 34.91 2.54 1.96
C SER A 201 35.82 2.64 3.20
N ASN B 5 -63.58 7.72 -6.33
CA ASN B 5 -64.87 8.47 -6.40
C ASN B 5 -65.47 8.69 -5.00
N ILE B 6 -65.81 7.59 -4.31
CA ILE B 6 -66.37 7.64 -2.96
C ILE B 6 -65.31 8.04 -1.92
N ALA B 7 -64.08 7.54 -2.10
CA ALA B 7 -62.97 7.84 -1.20
C ALA B 7 -62.34 9.21 -1.52
N VAL B 8 -63.09 10.27 -1.22
CA VAL B 8 -62.65 11.65 -1.45
C VAL B 8 -62.92 12.54 -0.21
N GLN B 9 -64.03 12.27 0.46
CA GLN B 9 -64.54 13.07 1.59
C GLN B 9 -63.45 13.60 2.54
N ARG B 10 -62.75 12.67 3.19
CA ARG B 10 -61.71 12.98 4.18
C ARG B 10 -60.56 13.84 3.65
N ILE B 11 -59.95 13.36 2.56
CA ILE B 11 -58.69 13.88 2.00
C ILE B 11 -58.41 15.36 2.23
N LYS B 12 -59.32 16.21 1.74
CA LYS B 12 -59.13 17.66 1.77
C LYS B 12 -59.30 18.19 3.18
N ARG B 13 -60.47 17.94 3.78
CA ARG B 13 -60.84 18.51 5.08
C ARG B 13 -59.89 18.14 6.24
N GLU B 14 -58.92 17.26 5.96
CA GLU B 14 -57.84 16.93 6.89
C GLU B 14 -56.48 17.44 6.40
N PHE B 15 -56.44 17.84 5.13
CA PHE B 15 -55.31 18.52 4.54
C PHE B 15 -55.29 19.95 5.07
N LYS B 16 -56.46 20.49 5.34
CA LYS B 16 -56.63 21.84 5.89
C LYS B 16 -56.03 21.93 7.30
N GLU B 17 -56.49 21.03 8.19
CA GLU B 17 -56.06 21.02 9.59
C GLU B 17 -54.54 20.85 9.73
N VAL B 18 -53.93 20.23 8.72
CA VAL B 18 -52.48 20.11 8.65
C VAL B 18 -51.87 21.51 8.56
N LEU B 19 -52.35 22.29 7.59
CA LEU B 19 -51.84 23.63 7.35
C LEU B 19 -52.12 24.57 8.54
N LYS B 20 -53.32 24.45 9.11
CA LYS B 20 -53.74 25.26 10.26
C LYS B 20 -52.98 24.89 11.55
N SER B 21 -52.42 23.68 11.60
CA SER B 21 -51.66 23.18 12.76
C SER B 21 -50.51 24.09 13.19
N GLU B 22 -50.22 24.10 14.49
CA GLU B 22 -49.05 24.80 15.02
C GLU B 22 -47.76 24.01 14.79
N GLU B 23 -47.89 22.73 14.44
CA GLU B 23 -46.75 21.90 14.03
C GLU B 23 -46.23 22.36 12.67
N THR B 24 -47.15 22.70 11.77
CA THR B 24 -46.79 23.29 10.48
C THR B 24 -46.32 24.75 10.67
N SER B 25 -46.66 25.34 11.82
CA SER B 25 -46.18 26.69 12.16
C SER B 25 -44.77 26.63 12.75
N LYS B 26 -44.49 25.61 13.56
CA LYS B 26 -43.15 25.37 14.09
C LYS B 26 -42.29 24.58 13.09
N ASN B 27 -42.79 24.44 11.85
CA ASN B 27 -42.14 23.72 10.73
C ASN B 27 -41.74 22.28 11.01
N GLN B 28 -42.70 21.49 11.49
CA GLN B 28 -42.45 20.07 11.74
C GLN B 28 -42.97 19.22 10.59
N ILE B 29 -44.19 19.49 10.13
CA ILE B 29 -44.78 18.69 9.06
C ILE B 29 -45.55 19.52 8.03
N LYS B 30 -45.67 18.95 6.83
CA LYS B 30 -46.49 19.50 5.74
C LYS B 30 -46.84 18.43 4.70
N VAL B 31 -47.81 18.77 3.85
CA VAL B 31 -48.30 17.89 2.79
C VAL B 31 -48.85 18.80 1.69
N ASP B 32 -48.77 18.32 0.47
CA ASP B 32 -49.33 19.00 -0.66
C ASP B 32 -50.05 17.93 -1.44
N LEU B 33 -50.85 18.37 -2.39
CA LEU B 33 -51.62 17.50 -3.26
C LEU B 33 -51.16 17.63 -4.71
N VAL B 34 -51.19 16.52 -5.45
CA VAL B 34 -50.82 16.48 -6.87
C VAL B 34 -52.04 16.70 -7.82
N ASP B 35 -52.98 15.75 -7.87
CA ASP B 35 -54.11 15.77 -8.83
C ASP B 35 -55.46 16.09 -8.18
N GLU B 36 -56.38 16.67 -8.96
CA GLU B 36 -57.71 17.06 -8.44
C GLU B 36 -58.47 15.93 -7.74
N ASN B 37 -58.31 14.71 -8.25
CA ASN B 37 -59.03 13.53 -7.75
C ASN B 37 -58.44 12.87 -6.49
N PHE B 38 -57.33 13.43 -5.99
CA PHE B 38 -56.63 12.98 -4.77
C PHE B 38 -56.32 11.48 -4.73
N THR B 39 -55.39 11.05 -5.58
CA THR B 39 -54.97 9.65 -5.62
C THR B 39 -53.48 9.59 -5.36
N GLU B 40 -52.89 10.77 -5.20
CA GLU B 40 -51.46 10.96 -5.11
C GLU B 40 -51.21 12.22 -4.28
N LEU B 41 -50.64 12.03 -3.09
CA LEU B 41 -50.26 13.14 -2.20
C LEU B 41 -48.74 13.16 -1.94
N ARG B 42 -48.20 14.33 -1.62
CA ARG B 42 -46.77 14.48 -1.30
C ARG B 42 -46.57 15.06 0.10
N GLY B 43 -45.91 14.27 0.96
CA GLY B 43 -45.68 14.65 2.37
C GLY B 43 -44.26 15.07 2.63
N GLU B 44 -44.05 15.82 3.72
CA GLU B 44 -42.71 16.24 4.14
C GLU B 44 -42.60 16.41 5.66
N ILE B 45 -41.80 15.57 6.30
CA ILE B 45 -41.60 15.59 7.76
C ILE B 45 -40.18 15.97 8.16
N ALA B 46 -40.05 16.67 9.27
CA ALA B 46 -38.76 17.10 9.78
C ALA B 46 -38.12 16.07 10.74
N GLY B 47 -36.80 15.93 10.63
CA GLY B 47 -36.03 15.05 11.49
C GLY B 47 -36.37 15.38 12.93
N PRO B 48 -36.86 14.36 13.69
CA PRO B 48 -37.14 14.60 15.10
C PRO B 48 -35.84 15.02 15.76
N PRO B 49 -35.89 15.93 16.73
CA PRO B 49 -34.66 16.38 17.36
C PRO B 49 -33.88 15.25 18.06
N ASP B 50 -32.60 15.51 18.33
CA ASP B 50 -31.68 14.59 19.03
C ASP B 50 -31.64 13.17 18.43
N THR B 51 -31.91 13.12 17.13
CA THR B 51 -31.88 11.91 16.34
C THR B 51 -30.91 12.22 15.21
N PRO B 52 -30.25 11.21 14.63
CA PRO B 52 -29.34 11.44 13.51
C PRO B 52 -30.02 12.10 12.31
N TYR B 53 -31.34 12.17 12.34
CA TYR B 53 -32.10 12.78 11.25
C TYR B 53 -32.41 14.27 11.48
N GLU B 54 -32.09 14.79 12.66
CA GLU B 54 -32.23 16.21 13.02
C GLU B 54 -31.60 17.07 11.91
N GLY B 55 -32.25 18.18 11.58
CA GLY B 55 -31.80 19.12 10.55
C GLY B 55 -32.20 18.70 9.14
N GLY B 56 -32.88 17.57 9.01
CA GLY B 56 -33.23 17.03 7.69
C GLY B 56 -34.70 16.88 7.42
N ARG B 57 -35.08 17.04 6.16
CA ARG B 57 -36.49 16.97 5.76
C ARG B 57 -36.67 15.84 4.77
N TYR B 58 -37.78 15.13 4.90
CA TYR B 58 -38.03 13.91 4.16
C TYR B 58 -39.32 13.97 3.39
N GLN B 59 -39.25 13.73 2.09
CA GLN B 59 -40.44 13.72 1.24
C GLN B 59 -41.03 12.33 1.17
N LEU B 60 -42.37 12.27 1.09
CA LEU B 60 -43.13 11.03 1.17
C LEU B 60 -44.18 10.86 0.06
N GLU B 61 -44.34 9.63 -0.39
CA GLU B 61 -45.30 9.24 -1.43
C GLU B 61 -46.56 8.65 -0.81
N ILE B 62 -47.70 9.32 -1.02
CA ILE B 62 -48.97 8.85 -0.47
C ILE B 62 -49.93 8.45 -1.58
N LYS B 63 -49.99 7.14 -1.80
CA LYS B 63 -50.97 6.54 -2.68
C LYS B 63 -52.20 6.22 -1.84
N ILE B 64 -53.38 6.41 -2.43
CA ILE B 64 -54.62 6.15 -1.73
C ILE B 64 -55.39 5.09 -2.51
N PRO B 65 -55.55 3.89 -1.91
CA PRO B 65 -56.34 2.83 -2.53
C PRO B 65 -57.80 3.24 -2.63
N GLU B 66 -58.51 2.67 -3.60
CA GLU B 66 -59.94 2.96 -3.79
C GLU B 66 -60.81 2.38 -2.65
N THR B 67 -60.17 1.61 -1.77
CA THR B 67 -60.83 0.92 -0.65
C THR B 67 -60.65 1.62 0.71
N TYR B 68 -60.02 2.80 0.67
CA TYR B 68 -59.81 3.68 1.83
C TYR B 68 -61.18 4.23 2.30
N PRO B 69 -61.39 4.40 3.64
CA PRO B 69 -60.56 4.12 4.82
C PRO B 69 -60.72 2.74 5.48
N PHE B 70 -61.15 1.73 4.67
CA PHE B 70 -61.19 0.35 5.19
C PHE B 70 -59.82 -0.33 5.07
N ASN B 71 -59.16 -0.16 3.92
CA ASN B 71 -57.79 -0.62 3.70
C ASN B 71 -56.78 0.52 3.93
N PRO B 72 -55.54 0.19 4.36
CA PRO B 72 -54.59 1.29 4.62
C PRO B 72 -54.02 1.94 3.36
N PRO B 73 -53.83 3.29 3.39
CA PRO B 73 -53.05 4.01 2.37
C PRO B 73 -51.63 3.46 2.30
N LYS B 74 -51.08 3.36 1.09
CA LYS B 74 -49.76 2.77 0.86
C LYS B 74 -48.67 3.83 0.76
N VAL B 75 -47.64 3.68 1.58
CA VAL B 75 -46.66 4.74 1.77
C VAL B 75 -45.22 4.27 1.58
N ARG B 76 -44.39 5.23 1.17
CA ARG B 76 -43.04 5.03 0.74
C ARG B 76 -42.34 6.40 0.79
N PHE B 77 -41.09 6.42 1.29
CA PHE B 77 -40.25 7.64 1.26
C PHE B 77 -39.75 7.93 -0.14
N ILE B 78 -39.74 9.21 -0.53
CA ILE B 78 -39.11 9.64 -1.78
C ILE B 78 -37.63 9.73 -1.45
N THR B 79 -37.34 10.49 -0.39
CA THR B 79 -36.02 10.77 0.11
C THR B 79 -35.41 9.50 0.66
N LYS B 80 -34.15 9.23 0.32
CA LYS B 80 -33.45 8.06 0.87
C LYS B 80 -33.09 8.24 2.35
N ILE B 81 -33.30 7.20 3.14
CA ILE B 81 -33.07 7.22 4.61
C ILE B 81 -32.57 5.86 5.13
N TRP B 82 -31.71 5.91 6.16
CA TRP B 82 -31.07 4.77 6.79
C TRP B 82 -31.76 4.56 8.15
N HIS B 83 -32.63 3.57 8.17
CA HIS B 83 -33.45 3.31 9.33
C HIS B 83 -33.76 1.82 9.28
N PRO B 84 -33.71 1.14 10.44
CA PRO B 84 -34.05 -0.28 10.45
C PRO B 84 -35.40 -0.64 9.87
N ASN B 85 -36.39 0.24 10.04
CA ASN B 85 -37.78 -0.02 9.63
C ASN B 85 -38.19 0.56 8.26
N ILE B 86 -37.21 0.89 7.42
CA ILE B 86 -37.44 1.50 6.12
C ILE B 86 -36.46 0.90 5.12
N SER B 87 -36.90 0.63 3.89
CA SER B 87 -35.97 0.17 2.86
C SER B 87 -35.00 1.28 2.44
N SER B 88 -33.69 1.00 2.50
CA SER B 88 -32.68 1.94 2.04
C SER B 88 -32.67 2.05 0.52
N VAL B 89 -33.32 1.09 -0.12
CA VAL B 89 -33.32 1.01 -1.56
C VAL B 89 -34.64 1.55 -2.13
N THR B 90 -35.75 0.87 -1.79
CA THR B 90 -37.08 1.22 -2.29
C THR B 90 -37.82 2.27 -1.45
N GLY B 91 -37.39 2.47 -0.21
CA GLY B 91 -38.09 3.39 0.71
C GLY B 91 -39.40 2.83 1.30
N ALA B 92 -39.64 1.53 1.14
CA ALA B 92 -40.81 0.84 1.69
C ALA B 92 -40.82 1.04 3.19
N ILE B 93 -42.00 1.08 3.80
CA ILE B 93 -42.09 1.32 5.24
C ILE B 93 -42.69 0.15 6.00
N CYS B 94 -41.94 -0.30 7.01
CA CYS B 94 -42.44 -1.29 7.94
C CYS B 94 -42.94 -0.60 9.21
N LEU B 95 -44.17 -0.12 9.15
CA LEU B 95 -44.86 0.48 10.28
C LEU B 95 -46.20 -0.22 10.42
N ASP B 96 -46.38 -0.91 11.54
CA ASP B 96 -47.54 -1.76 11.84
C ASP B 96 -48.89 -1.21 11.38
N ILE B 97 -49.09 0.09 11.60
CA ILE B 97 -50.37 0.75 11.32
C ILE B 97 -50.74 0.81 9.82
N LEU B 98 -49.83 0.38 8.94
CA LEU B 98 -50.15 0.24 7.50
C LEU B 98 -50.03 -1.19 6.99
N LYS B 99 -50.14 -2.15 7.90
CA LYS B 99 -50.16 -3.57 7.55
C LYS B 99 -51.59 -4.04 7.70
N ASP B 100 -52.02 -4.19 8.95
CA ASP B 100 -53.36 -4.60 9.32
C ASP B 100 -53.76 -4.02 10.68
N GLN B 101 -52.86 -3.25 11.27
CA GLN B 101 -53.12 -2.48 12.50
C GLN B 101 -53.77 -1.14 12.13
N TRP B 102 -54.23 -1.07 10.87
CA TRP B 102 -54.89 0.10 10.28
C TRP B 102 -56.30 0.36 10.85
N ALA B 103 -56.58 1.63 11.12
CA ALA B 103 -57.88 2.06 11.65
C ALA B 103 -58.47 3.21 10.81
N ALA B 104 -59.80 3.10 10.56
CA ALA B 104 -60.56 4.03 9.70
C ALA B 104 -60.58 5.50 10.17
N ALA B 105 -60.42 5.67 11.52
CA ALA B 105 -60.50 7.00 12.14
C ALA B 105 -59.25 7.86 11.94
N MET B 106 -58.12 7.22 11.64
CA MET B 106 -56.82 7.92 11.54
C MET B 106 -56.70 8.86 10.33
N THR B 107 -56.41 10.12 10.62
CA THR B 107 -56.25 11.17 9.61
C THR B 107 -54.89 11.07 8.94
N LEU B 108 -54.59 12.04 8.06
CA LEU B 108 -53.26 12.15 7.50
C LEU B 108 -52.32 12.68 8.57
N ARG B 109 -52.83 13.64 9.35
CA ARG B 109 -52.12 14.26 10.47
C ARG B 109 -51.48 13.24 11.39
N THR B 110 -52.27 12.22 11.74
CA THR B 110 -51.85 11.15 12.64
C THR B 110 -50.68 10.36 12.03
N VAL B 111 -50.84 9.98 10.76
CA VAL B 111 -49.87 9.14 10.07
C VAL B 111 -48.55 9.89 9.85
N LEU B 112 -48.65 11.17 9.49
CA LEU B 112 -47.47 11.98 9.27
C LEU B 112 -46.68 12.11 10.58
N LEU B 113 -47.37 12.45 11.68
CA LEU B 113 -46.74 12.58 13.01
C LEU B 113 -46.19 11.25 13.54
N SER B 114 -46.81 10.14 13.15
CA SER B 114 -46.37 8.81 13.60
C SER B 114 -45.10 8.38 12.88
N LEU B 115 -44.91 8.85 11.65
CA LEU B 115 -43.69 8.59 10.92
C LEU B 115 -42.54 9.33 11.57
N GLN B 116 -42.81 10.54 12.06
CA GLN B 116 -41.79 11.34 12.72
C GLN B 116 -41.24 10.63 13.96
N ALA B 117 -42.14 10.13 14.82
CA ALA B 117 -41.76 9.36 16.02
C ALA B 117 -41.04 8.05 15.68
N LEU B 118 -41.44 7.41 14.56
CA LEU B 118 -40.77 6.20 14.10
C LEU B 118 -39.29 6.50 13.92
N LEU B 119 -38.99 7.64 13.32
CA LEU B 119 -37.61 8.09 13.19
C LEU B 119 -36.97 8.33 14.54
N ALA B 120 -37.73 8.92 15.47
CA ALA B 120 -37.29 9.20 16.82
C ALA B 120 -37.12 7.95 17.69
N ALA B 121 -37.63 6.82 17.21
CA ALA B 121 -37.56 5.55 17.95
C ALA B 121 -37.73 4.33 17.06
N ALA B 122 -36.62 3.93 16.44
CA ALA B 122 -36.53 2.69 15.65
C ALA B 122 -36.99 1.43 16.38
N GLU B 123 -37.50 0.48 15.62
CA GLU B 123 -37.90 -0.82 16.15
C GLU B 123 -37.14 -1.89 15.37
N PRO B 124 -35.84 -2.07 15.71
CA PRO B 124 -34.92 -2.92 14.96
C PRO B 124 -35.26 -4.40 15.05
N ASP B 125 -36.25 -4.71 15.89
CA ASP B 125 -36.71 -6.07 16.15
C ASP B 125 -37.48 -6.62 14.95
N ASP B 126 -38.48 -5.86 14.50
CA ASP B 126 -39.25 -6.16 13.29
C ASP B 126 -38.69 -5.27 12.18
N PRO B 127 -37.78 -5.81 11.33
CA PRO B 127 -37.06 -4.97 10.37
C PRO B 127 -37.69 -4.90 8.98
N GLN B 128 -37.23 -3.89 8.22
CA GLN B 128 -37.49 -3.80 6.80
C GLN B 128 -36.19 -4.13 6.06
N ASP B 129 -35.09 -3.54 6.52
CA ASP B 129 -33.79 -3.70 5.89
C ASP B 129 -32.84 -4.44 6.83
N ALA B 130 -32.64 -5.73 6.55
CA ALA B 130 -31.82 -6.60 7.39
C ALA B 130 -30.44 -6.01 7.70
N VAL B 131 -29.75 -5.57 6.65
CA VAL B 131 -28.40 -5.06 6.77
C VAL B 131 -28.32 -3.91 7.78
N VAL B 132 -29.25 -2.96 7.67
CA VAL B 132 -29.31 -1.79 8.56
C VAL B 132 -29.61 -2.22 9.99
N ALA B 133 -30.74 -2.89 10.18
CA ALA B 133 -31.12 -3.52 11.44
C ALA B 133 -29.95 -4.20 12.13
N ASN B 134 -29.26 -5.07 11.41
CA ASN B 134 -28.11 -5.77 11.95
C ASN B 134 -27.05 -4.77 12.44
N GLN B 135 -26.81 -3.71 11.66
CA GLN B 135 -25.82 -2.66 12.02
C GLN B 135 -26.26 -1.92 13.26
N TYR B 136 -27.54 -1.57 13.30
CA TYR B 136 -28.10 -0.81 14.39
C TYR B 136 -27.79 -1.49 15.74
N LYS B 137 -27.85 -2.83 15.73
CA LYS B 137 -27.62 -3.70 16.88
C LYS B 137 -26.14 -3.97 17.17
N GLN B 138 -25.41 -4.48 16.19
CA GLN B 138 -24.00 -4.81 16.32
C GLN B 138 -23.15 -3.58 16.63
N ASN B 139 -23.50 -2.44 16.05
CA ASN B 139 -22.69 -1.23 16.20
C ASN B 139 -23.48 0.07 16.21
N PRO B 140 -24.20 0.35 17.32
CA PRO B 140 -25.02 1.56 17.48
C PRO B 140 -24.37 2.87 17.05
N GLU B 141 -23.10 3.10 17.40
CA GLU B 141 -22.40 4.34 17.03
C GLU B 141 -22.16 4.48 15.53
N MET B 142 -21.72 3.40 14.88
CA MET B 142 -21.60 3.43 13.43
C MET B 142 -22.95 3.56 12.80
N PHE B 143 -23.99 3.04 13.43
CA PHE B 143 -25.31 3.27 12.89
C PHE B 143 -25.68 4.74 12.90
N LYS B 144 -25.38 5.49 13.97
CA LYS B 144 -25.68 6.94 14.01
C LYS B 144 -24.89 7.68 12.94
N GLN B 145 -23.59 7.43 12.84
CA GLN B 145 -22.76 8.17 11.89
C GLN B 145 -23.19 7.90 10.48
N THR B 146 -23.73 6.71 10.24
CA THR B 146 -24.14 6.30 8.90
C THR B 146 -25.46 6.97 8.58
N ALA B 147 -26.39 6.95 9.54
CA ALA B 147 -27.67 7.63 9.38
C ALA B 147 -27.50 9.13 9.28
N ARG B 148 -26.47 9.66 9.95
CA ARG B 148 -26.18 11.09 9.88
C ARG B 148 -25.71 11.45 8.47
N LEU B 149 -24.86 10.60 7.91
CA LEU B 149 -24.37 10.81 6.57
C LEU B 149 -25.50 10.82 5.51
N TRP B 150 -26.34 9.79 5.49
CA TRP B 150 -27.49 9.70 4.63
C TRP B 150 -28.43 10.90 4.84
N ALA B 151 -28.64 11.32 6.07
CA ALA B 151 -29.40 12.57 6.30
C ALA B 151 -28.70 13.73 5.62
N HIS B 152 -27.37 13.76 5.69
CA HIS B 152 -26.65 14.86 5.10
C HIS B 152 -26.69 14.81 3.59
N VAL B 153 -26.53 13.62 2.98
CA VAL B 153 -26.50 13.61 1.51
C VAL B 153 -27.89 13.59 0.88
N TYR B 154 -28.88 12.94 1.51
CA TYR B 154 -30.20 12.83 0.89
C TYR B 154 -31.31 13.78 1.40
N ALA B 155 -31.14 14.31 2.60
CA ALA B 155 -32.21 14.99 3.27
C ALA B 155 -31.89 16.42 3.65
N GLY B 156 -30.82 16.97 3.11
CA GLY B 156 -30.50 18.36 3.41
C GLY B 156 -29.96 18.62 4.82
N ALA B 157 -29.75 17.56 5.63
CA ALA B 157 -29.24 17.73 7.01
C ALA B 157 -27.84 18.33 7.06
N PRO B 158 -27.38 18.84 8.22
CA PRO B 158 -26.01 19.35 8.27
C PRO B 158 -24.97 18.25 8.07
N VAL B 159 -23.71 18.65 7.94
CA VAL B 159 -22.62 17.75 7.52
C VAL B 159 -22.13 16.73 8.57
N SER B 160 -22.00 15.45 8.15
CA SER B 160 -21.57 14.31 9.03
C SER B 160 -20.08 14.15 8.98
N SER B 161 -19.61 12.96 9.41
CA SER B 161 -18.22 12.63 9.59
C SER B 161 -17.50 12.93 8.31
N PRO B 162 -16.55 13.88 8.35
CA PRO B 162 -15.59 14.05 7.27
C PRO B 162 -14.85 12.74 6.91
N GLU B 163 -14.82 11.74 7.81
CA GLU B 163 -14.19 10.45 7.48
C GLU B 163 -14.98 9.68 6.41
N TYR B 164 -16.30 9.66 6.57
CA TYR B 164 -17.20 8.96 5.67
C TYR B 164 -17.26 9.68 4.36
N THR B 165 -17.27 11.00 4.43
CA THR B 165 -17.41 11.84 3.25
C THR B 165 -16.22 11.60 2.33
N LYS B 166 -15.03 11.62 2.92
CA LYS B 166 -13.76 11.48 2.21
C LYS B 166 -13.65 10.09 1.51
N LYS B 167 -13.95 9.03 2.26
CA LYS B 167 -14.07 7.70 1.69
C LYS B 167 -15.01 7.67 0.48
N ILE B 168 -16.15 8.38 0.56
CA ILE B 168 -17.10 8.41 -0.59
C ILE B 168 -16.48 9.13 -1.79
N GLU B 169 -15.85 10.27 -1.54
CA GLU B 169 -15.15 11.02 -2.59
C GLU B 169 -14.02 10.25 -3.24
N ASN B 170 -13.33 9.40 -2.46
CA ASN B 170 -12.19 8.68 -2.99
C ASN B 170 -12.69 7.57 -3.89
N LEU B 171 -13.75 6.88 -3.48
CA LEU B 171 -14.32 5.85 -4.33
C LEU B 171 -14.96 6.43 -5.59
N CYS B 172 -15.57 7.62 -5.48
CA CYS B 172 -16.10 8.29 -6.70
C CYS B 172 -14.99 8.65 -7.67
N ALA B 173 -13.84 9.05 -7.13
CA ALA B 173 -12.70 9.42 -8.00
C ALA B 173 -12.23 8.22 -8.83
N MET B 174 -12.39 7.02 -8.28
CA MET B 174 -12.01 5.80 -9.02
C MET B 174 -12.98 5.42 -10.13
N GLY B 175 -14.11 6.11 -10.16
CA GLY B 175 -15.04 5.99 -11.22
C GLY B 175 -16.31 5.25 -10.90
N PHE B 176 -16.67 5.17 -9.64
CA PHE B 176 -17.94 4.52 -9.33
C PHE B 176 -19.09 5.53 -9.08
N ASP B 177 -20.33 5.06 -9.15
CA ASP B 177 -21.55 5.88 -8.93
C ASP B 177 -21.67 6.20 -7.44
N ARG B 178 -21.97 7.46 -7.11
CA ARG B 178 -22.05 7.91 -5.71
C ARG B 178 -23.07 7.16 -4.83
N ASN B 179 -24.28 6.93 -5.35
CA ASN B 179 -25.24 6.09 -4.64
C ASN B 179 -24.69 4.67 -4.41
N ALA B 180 -24.00 4.12 -5.41
CA ALA B 180 -23.50 2.79 -5.31
C ALA B 180 -22.39 2.73 -4.25
N VAL B 181 -21.39 3.59 -4.38
CA VAL B 181 -20.37 3.77 -3.39
C VAL B 181 -20.91 3.91 -1.97
N ILE B 182 -21.97 4.68 -1.82
CA ILE B 182 -22.56 4.98 -0.52
C ILE B 182 -23.21 3.72 0.05
N VAL B 183 -24.02 3.03 -0.77
CA VAL B 183 -24.66 1.78 -0.35
C VAL B 183 -23.57 0.78 0.09
N ALA B 184 -22.57 0.61 -0.76
CA ALA B 184 -21.50 -0.34 -0.50
C ALA B 184 -20.70 -0.03 0.78
N LEU B 185 -20.38 1.23 1.03
CA LEU B 185 -19.65 1.61 2.23
C LEU B 185 -20.50 1.52 3.50
N SER B 186 -21.78 1.85 3.37
CA SER B 186 -22.70 1.75 4.51
C SER B 186 -22.97 0.27 4.87
N SER B 187 -22.78 -0.63 3.91
CA SER B 187 -23.08 -2.06 4.13
C SER B 187 -21.85 -2.82 4.62
N LYS B 188 -20.66 -2.29 4.34
CA LYS B 188 -19.41 -3.00 4.70
C LYS B 188 -18.64 -2.28 5.80
N SER B 189 -19.39 -1.72 6.74
CA SER B 189 -18.81 -1.12 7.92
C SER B 189 -17.77 -0.05 7.59
N TRP B 190 -18.02 0.67 6.50
CA TRP B 190 -17.16 1.77 6.06
C TRP B 190 -15.70 1.36 5.79
N ASP B 191 -15.46 0.09 5.51
CA ASP B 191 -14.13 -0.29 5.08
C ASP B 191 -14.02 -0.27 3.55
N VAL B 192 -13.07 0.57 3.14
CA VAL B 192 -12.72 0.88 1.77
C VAL B 192 -12.37 -0.36 0.99
N GLU B 193 -11.44 -1.13 1.49
CA GLU B 193 -10.99 -2.34 0.80
C GLU B 193 -12.18 -3.30 0.53
N THR B 194 -13.01 -3.57 1.55
CA THR B 194 -14.12 -4.51 1.38
C THR B 194 -15.26 -3.92 0.54
N ALA B 195 -15.46 -2.60 0.64
CA ALA B 195 -16.45 -1.94 -0.21
C ALA B 195 -16.13 -1.98 -1.72
N THR B 196 -14.88 -1.69 -2.07
CA THR B 196 -14.44 -1.74 -3.46
C THR B 196 -14.63 -3.15 -4.02
N GLU B 197 -14.40 -4.14 -3.17
CA GLU B 197 -14.63 -5.53 -3.55
C GLU B 197 -16.11 -5.71 -3.91
N LEU B 198 -17.03 -5.36 -3.02
CA LEU B 198 -18.46 -5.40 -3.32
C LEU B 198 -18.86 -4.60 -4.56
N LEU B 199 -18.34 -3.39 -4.70
CA LEU B 199 -18.67 -2.55 -5.84
C LEU B 199 -18.42 -3.26 -7.14
N LEU B 200 -17.41 -4.13 -7.16
CA LEU B 200 -17.02 -4.79 -8.39
C LEU B 200 -17.83 -6.07 -8.67
N SER B 201 -18.85 -5.90 -9.53
CA SER B 201 -19.78 -6.96 -9.99
C SER B 201 -19.96 -6.88 -11.52
N SER C 4 -1.31 7.81 -15.17
CA SER C 4 -1.41 6.81 -14.06
C SER C 4 -2.35 7.34 -12.97
N GLY C 5 -2.15 6.85 -11.73
CA GLY C 5 -2.64 7.52 -10.50
C GLY C 5 -3.88 6.90 -9.92
N ILE C 6 -5.03 7.40 -10.35
CA ILE C 6 -6.30 6.76 -10.07
C ILE C 6 -6.35 5.42 -10.85
N ALA C 7 -5.86 5.42 -12.09
CA ALA C 7 -6.01 4.28 -12.97
C ALA C 7 -5.34 3.00 -12.47
N LEU C 8 -4.08 3.10 -12.04
CA LEU C 8 -3.36 2.01 -11.39
C LEU C 8 -4.16 1.48 -10.20
N SER C 9 -4.67 2.40 -9.38
CA SER C 9 -5.45 2.02 -8.22
C SER C 9 -6.62 1.18 -8.67
N ARG C 10 -7.37 1.70 -9.63
CA ARG C 10 -8.61 1.11 -10.07
C ARG C 10 -8.31 -0.27 -10.70
N LEU C 11 -7.34 -0.33 -11.61
CA LEU C 11 -6.93 -1.61 -12.21
C LEU C 11 -6.41 -2.65 -11.22
N ALA C 12 -5.72 -2.22 -10.16
CA ALA C 12 -5.16 -3.20 -9.21
C ALA C 12 -6.36 -3.85 -8.53
N GLN C 13 -7.37 -3.05 -8.31
CA GLN C 13 -8.56 -3.51 -7.71
C GLN C 13 -9.44 -4.35 -8.65
N GLU C 14 -9.39 -4.06 -9.97
CA GLU C 14 -10.03 -4.97 -10.91
C GLU C 14 -9.27 -6.32 -11.00
N ARG C 15 -7.93 -6.29 -10.87
CA ARG C 15 -7.15 -7.49 -10.85
C ARG C 15 -7.62 -8.39 -9.69
N LYS C 16 -7.66 -7.81 -8.47
CA LYS C 16 -8.06 -8.50 -7.27
C LYS C 16 -9.47 -9.07 -7.41
N ALA C 17 -10.38 -8.30 -8.02
CA ALA C 17 -11.78 -8.75 -8.11
C ALA C 17 -11.88 -9.88 -9.13
N TRP C 18 -11.15 -9.77 -10.24
CA TRP C 18 -11.16 -10.80 -11.27
C TRP C 18 -10.69 -12.17 -10.75
N ARG C 19 -9.50 -12.19 -10.16
CA ARG C 19 -8.94 -13.35 -9.48
C ARG C 19 -9.87 -13.93 -8.40
N LYS C 20 -10.74 -13.08 -7.83
CA LYS C 20 -11.71 -13.52 -6.82
C LYS C 20 -12.92 -14.14 -7.51
N ASP C 21 -13.36 -13.52 -8.60
CA ASP C 21 -14.53 -13.97 -9.34
C ASP C 21 -14.52 -13.48 -10.77
N HIS C 22 -14.74 -14.44 -11.66
CA HIS C 22 -14.92 -14.18 -13.08
C HIS C 22 -15.68 -15.36 -13.66
N PRO C 23 -16.20 -15.22 -14.87
CA PRO C 23 -16.91 -16.36 -15.47
C PRO C 23 -15.93 -17.37 -16.01
N PHE C 24 -16.23 -18.65 -15.83
CA PHE C 24 -15.37 -19.70 -16.37
C PHE C 24 -15.01 -19.50 -17.83
N GLY C 25 -13.74 -19.74 -18.19
CA GLY C 25 -13.33 -19.69 -19.59
C GLY C 25 -12.73 -18.37 -20.03
N PHE C 26 -13.08 -17.25 -19.37
CA PHE C 26 -12.49 -15.96 -19.68
C PHE C 26 -11.11 -15.87 -19.02
N VAL C 27 -10.18 -15.21 -19.70
CA VAL C 27 -8.89 -14.86 -19.12
C VAL C 27 -8.75 -13.34 -19.17
N ALA C 28 -7.98 -12.80 -18.21
CA ALA C 28 -7.70 -11.40 -18.07
C ALA C 28 -6.60 -11.29 -17.00
N VAL C 29 -5.39 -11.11 -17.50
CA VAL C 29 -4.21 -11.02 -16.65
C VAL C 29 -3.32 -9.93 -17.25
N PRO C 30 -2.83 -8.99 -16.40
CA PRO C 30 -1.94 -7.92 -16.86
C PRO C 30 -0.71 -8.56 -17.48
N THR C 31 0.01 -7.82 -18.29
CA THR C 31 1.20 -8.37 -18.94
C THR C 31 2.42 -8.08 -18.09
N LYS C 32 3.51 -8.79 -18.38
CA LYS C 32 4.78 -8.62 -17.69
C LYS C 32 5.70 -7.77 -18.55
N ASN C 33 6.28 -6.71 -17.96
CA ASN C 33 7.26 -5.86 -18.62
C ASN C 33 8.56 -6.68 -18.87
N PRO C 34 9.58 -6.09 -19.55
CA PRO C 34 10.84 -6.85 -19.62
C PRO C 34 11.42 -7.14 -18.23
N ASP C 35 11.28 -6.18 -17.31
CA ASP C 35 11.90 -6.20 -15.98
C ASP C 35 11.32 -7.26 -15.02
N GLY C 36 10.56 -8.22 -15.54
CA GLY C 36 9.81 -9.18 -14.69
C GLY C 36 8.49 -8.61 -14.11
N THR C 37 8.46 -7.30 -13.91
CA THR C 37 7.38 -6.60 -13.21
C THR C 37 6.02 -6.61 -13.92
N MET C 38 4.95 -6.52 -13.13
CA MET C 38 3.59 -6.50 -13.69
C MET C 38 3.24 -5.15 -14.32
N ASN C 39 2.54 -5.19 -15.45
CA ASN C 39 2.07 -4.00 -16.16
C ASN C 39 0.53 -3.96 -16.25
N LEU C 40 -0.09 -3.20 -15.34
CA LEU C 40 -1.57 -3.10 -15.27
C LEU C 40 -2.21 -2.34 -16.42
N MET C 41 -1.39 -1.67 -17.22
CA MET C 41 -1.89 -0.83 -18.32
C MET C 41 -2.09 -1.57 -19.63
N ASN C 42 -1.76 -2.86 -19.66
CA ASN C 42 -1.72 -3.64 -20.90
C ASN C 42 -2.07 -5.06 -20.54
N TRP C 43 -3.33 -5.43 -20.69
CA TRP C 43 -3.76 -6.78 -20.27
C TRP C 43 -3.90 -7.75 -21.43
N GLU C 44 -3.64 -9.03 -21.16
CA GLU C 44 -3.80 -10.11 -22.15
C GLU C 44 -4.97 -10.96 -21.76
N CYS C 45 -6.07 -10.72 -22.45
CA CYS C 45 -7.35 -11.39 -22.21
C CYS C 45 -7.73 -12.35 -23.30
N ALA C 46 -8.77 -13.14 -22.98
CA ALA C 46 -9.32 -14.10 -23.89
C ALA C 46 -10.80 -14.37 -23.55
N ILE C 47 -11.65 -14.44 -24.60
CA ILE C 47 -13.09 -14.64 -24.51
C ILE C 47 -13.56 -16.00 -25.09
N PRO C 48 -14.30 -16.83 -24.32
CA PRO C 48 -14.79 -18.06 -24.92
C PRO C 48 -16.00 -17.85 -25.81
N GLY C 49 -16.15 -18.60 -26.90
CA GLY C 49 -17.37 -18.50 -27.69
C GLY C 49 -18.52 -18.94 -26.80
N LYS C 50 -19.70 -18.38 -27.00
CA LYS C 50 -20.89 -18.85 -26.29
C LYS C 50 -21.37 -20.16 -26.86
N LYS C 51 -21.73 -21.09 -25.97
CA LYS C 51 -22.30 -22.38 -26.40
C LYS C 51 -23.70 -22.22 -26.98
N GLY C 52 -24.01 -23.02 -27.99
CA GLY C 52 -25.28 -22.92 -28.68
C GLY C 52 -25.17 -22.01 -29.88
N THR C 53 -24.01 -21.36 -30.02
CA THR C 53 -23.71 -20.52 -31.16
C THR C 53 -22.54 -21.12 -31.93
N PRO C 54 -22.33 -20.68 -33.19
CA PRO C 54 -21.20 -21.11 -33.98
C PRO C 54 -19.85 -20.59 -33.49
N TRP C 55 -19.81 -19.82 -32.40
CA TRP C 55 -18.50 -19.44 -31.81
C TRP C 55 -18.02 -20.53 -30.86
N GLU C 56 -18.95 -21.43 -30.51
CA GLU C 56 -18.69 -22.53 -29.58
C GLU C 56 -17.33 -23.23 -29.84
N GLY C 57 -16.54 -23.36 -28.78
CA GLY C 57 -15.25 -24.06 -28.83
C GLY C 57 -14.00 -23.21 -28.96
N GLY C 58 -14.14 -21.96 -29.40
CA GLY C 58 -13.00 -21.10 -29.62
C GLY C 58 -12.68 -20.25 -28.41
N LEU C 59 -11.42 -19.83 -28.33
CA LEU C 59 -11.00 -18.94 -27.27
C LEU C 59 -10.37 -17.74 -27.98
N PHE C 60 -11.07 -16.62 -27.93
CA PHE C 60 -10.64 -15.46 -28.73
C PHE C 60 -9.81 -14.49 -27.91
N LYS C 61 -8.55 -14.38 -28.32
CA LYS C 61 -7.53 -13.61 -27.61
C LYS C 61 -7.51 -12.15 -27.99
N LEU C 62 -7.52 -11.32 -26.97
CA LEU C 62 -7.40 -9.90 -27.21
C LEU C 62 -6.68 -9.18 -26.13
N ARG C 63 -6.03 -8.10 -26.53
CA ARG C 63 -5.30 -7.22 -25.66
C ARG C 63 -6.22 -6.08 -25.28
N MET C 64 -6.13 -5.67 -24.03
CA MET C 64 -6.87 -4.50 -23.52
C MET C 64 -5.85 -3.45 -23.06
N LEU C 65 -5.81 -2.27 -23.71
CA LEU C 65 -4.83 -1.18 -23.44
C LEU C 65 -5.46 0.06 -22.80
N PHE C 66 -5.00 0.41 -21.61
CA PHE C 66 -5.56 1.54 -20.90
C PHE C 66 -4.67 2.78 -21.02
N LYS C 67 -5.29 3.94 -21.18
CA LYS C 67 -4.58 5.21 -21.15
C LYS C 67 -4.46 5.68 -19.73
N ASP C 68 -3.50 6.56 -19.51
CA ASP C 68 -3.27 7.22 -18.24
C ASP C 68 -4.50 7.85 -17.56
N ASP C 69 -5.45 8.31 -18.35
CA ASP C 69 -6.69 8.87 -17.80
C ASP C 69 -7.88 7.87 -17.61
N TYR C 70 -7.63 6.58 -17.60
CA TYR C 70 -8.71 5.63 -17.32
C TYR C 70 -9.13 5.81 -15.84
N PRO C 71 -10.42 5.59 -15.49
CA PRO C 71 -11.60 5.10 -16.16
C PRO C 71 -12.39 6.17 -16.87
N SER C 72 -11.85 7.37 -16.85
CA SER C 72 -12.46 8.48 -17.55
C SER C 72 -12.49 8.23 -19.06
N SER C 73 -11.55 7.44 -19.58
CA SER C 73 -11.60 6.94 -20.96
C SER C 73 -11.62 5.41 -20.98
N PRO C 74 -12.28 4.79 -22.00
CA PRO C 74 -12.33 3.35 -22.02
C PRO C 74 -10.99 2.76 -22.50
N PRO C 75 -10.75 1.46 -22.22
CA PRO C 75 -9.59 0.81 -22.80
C PRO C 75 -9.81 0.63 -24.31
N LYS C 76 -8.75 0.50 -25.09
CA LYS C 76 -8.86 0.10 -26.50
C LYS C 76 -8.79 -1.42 -26.53
N CYS C 77 -9.72 -2.12 -27.19
CA CYS C 77 -9.64 -3.61 -27.28
C CYS C 77 -9.33 -4.13 -28.72
N LYS C 78 -8.22 -4.90 -28.83
CA LYS C 78 -7.69 -5.43 -30.09
C LYS C 78 -7.58 -6.94 -30.01
N PHE C 79 -8.30 -7.63 -30.87
CA PHE C 79 -8.14 -9.04 -31.01
C PHE C 79 -6.80 -9.30 -31.60
N GLU C 80 -6.13 -10.35 -31.13
CA GLU C 80 -4.82 -10.71 -31.62
C GLU C 80 -4.80 -12.19 -31.79
N PRO C 81 -4.80 -12.68 -33.04
CA PRO C 81 -4.83 -11.92 -34.31
C PRO C 81 -6.21 -11.31 -34.58
N PRO C 82 -6.34 -10.45 -35.59
CA PRO C 82 -7.67 -9.88 -35.93
C PRO C 82 -8.78 -10.91 -36.25
N LEU C 83 -9.99 -10.62 -35.80
CA LEU C 83 -11.18 -11.44 -36.00
C LEU C 83 -11.96 -11.19 -37.25
N PHE C 84 -12.34 -12.25 -37.94
CA PHE C 84 -13.39 -12.12 -38.92
C PHE C 84 -14.68 -11.89 -38.13
N HIS C 85 -15.22 -10.67 -38.17
CA HIS C 85 -16.52 -10.30 -37.54
C HIS C 85 -16.89 -8.92 -38.08
N PRO C 86 -18.17 -8.63 -38.41
CA PRO C 86 -18.53 -7.34 -39.03
C PRO C 86 -18.24 -6.07 -38.19
N ASN C 87 -17.91 -6.23 -36.92
CA ASN C 87 -17.71 -5.09 -36.02
C ASN C 87 -16.31 -5.02 -35.43
N VAL C 88 -15.36 -5.68 -36.06
CA VAL C 88 -13.94 -5.63 -35.65
C VAL C 88 -13.18 -5.04 -36.84
N TYR C 89 -12.35 -4.03 -36.62
CA TYR C 89 -11.62 -3.42 -37.72
C TYR C 89 -10.56 -4.40 -38.12
N PRO C 90 -10.04 -4.31 -39.37
CA PRO C 90 -8.97 -5.28 -39.79
C PRO C 90 -7.65 -5.20 -38.94
N SER C 91 -7.52 -4.18 -38.12
CA SER C 91 -6.43 -4.02 -37.23
C SER C 91 -6.72 -4.87 -36.00
N GLY C 92 -7.99 -5.25 -35.80
CA GLY C 92 -8.38 -6.06 -34.66
C GLY C 92 -9.18 -5.35 -33.57
N THR C 93 -9.18 -4.00 -33.60
CA THR C 93 -9.86 -3.20 -32.59
C THR C 93 -11.36 -3.47 -32.63
N VAL C 94 -12.01 -3.56 -31.49
CA VAL C 94 -13.44 -3.75 -31.42
C VAL C 94 -14.21 -2.38 -31.53
N CYS C 95 -15.30 -2.40 -32.28
CA CYS C 95 -16.15 -1.24 -32.46
C CYS C 95 -17.41 -1.57 -31.67
N LEU C 96 -17.58 -0.93 -30.50
CA LEU C 96 -18.67 -1.24 -29.58
C LEU C 96 -18.97 0.01 -28.82
N SER C 97 -20.24 0.44 -28.72
CA SER C 97 -20.47 1.79 -28.16
C SER C 97 -20.14 1.96 -26.67
N ILE C 98 -20.47 1.03 -25.81
CA ILE C 98 -19.93 1.16 -24.42
C ILE C 98 -18.40 1.34 -24.44
N LEU C 99 -17.76 1.28 -25.60
CA LEU C 99 -16.32 1.39 -25.69
C LEU C 99 -15.89 2.69 -26.36
N GLU C 100 -16.85 3.56 -26.65
CA GLU C 100 -16.49 4.82 -27.25
C GLU C 100 -16.81 5.91 -26.22
N GLU C 101 -15.84 6.76 -25.94
CA GLU C 101 -15.98 7.88 -25.01
C GLU C 101 -17.23 8.75 -25.12
N ASP C 102 -17.62 9.08 -26.35
CA ASP C 102 -18.68 10.08 -26.59
C ASP C 102 -20.00 9.40 -26.84
N LYS C 103 -20.02 8.09 -26.62
CA LYS C 103 -21.19 7.26 -26.70
C LYS C 103 -21.47 6.68 -25.31
N ASP C 104 -21.46 5.35 -25.16
CA ASP C 104 -21.95 4.73 -23.94
C ASP C 104 -20.91 4.32 -22.92
N TRP C 105 -19.64 4.64 -23.13
CA TRP C 105 -18.70 4.31 -22.09
C TRP C 105 -19.14 5.12 -20.86
N ARG C 106 -19.10 4.48 -19.70
CA ARG C 106 -19.23 5.15 -18.42
C ARG C 106 -18.05 4.64 -17.54
N PRO C 107 -17.34 5.53 -16.82
CA PRO C 107 -16.27 5.04 -15.93
C PRO C 107 -16.65 3.93 -14.95
N ALA C 108 -17.93 3.68 -14.70
CA ALA C 108 -18.31 2.60 -13.76
C ALA C 108 -18.33 1.20 -14.42
N ILE C 109 -18.06 1.16 -15.71
CA ILE C 109 -18.08 -0.03 -16.47
C ILE C 109 -16.79 -0.80 -16.20
N THR C 110 -16.94 -2.10 -16.11
CA THR C 110 -15.98 -2.97 -15.53
C THR C 110 -15.35 -3.85 -16.59
N ILE C 111 -14.10 -4.21 -16.33
CA ILE C 111 -13.36 -5.07 -17.18
C ILE C 111 -14.16 -6.33 -17.45
N LYS C 112 -14.82 -6.87 -16.45
CA LYS C 112 -15.70 -8.03 -16.68
C LYS C 112 -16.95 -7.67 -17.53
N GLN C 113 -17.51 -6.48 -17.34
CA GLN C 113 -18.65 -6.03 -18.17
C GLN C 113 -18.20 -5.83 -19.62
N ILE C 114 -16.99 -5.30 -19.82
CA ILE C 114 -16.45 -5.14 -21.19
C ILE C 114 -16.36 -6.51 -21.85
N LEU C 115 -15.58 -7.38 -21.23
CA LEU C 115 -15.42 -8.73 -21.75
C LEU C 115 -16.78 -9.42 -21.99
N LEU C 116 -17.73 -9.34 -21.08
CA LEU C 116 -19.03 -9.97 -21.34
C LEU C 116 -19.76 -9.30 -22.54
N GLY C 117 -19.67 -7.96 -22.60
CA GLY C 117 -20.24 -7.21 -23.71
C GLY C 117 -19.56 -7.61 -25.01
N ILE C 118 -18.22 -7.65 -24.99
CA ILE C 118 -17.51 -8.10 -26.19
C ILE C 118 -18.01 -9.51 -26.60
N GLN C 119 -18.25 -10.38 -25.62
CA GLN C 119 -18.76 -11.73 -25.88
C GLN C 119 -20.14 -11.69 -26.52
N GLU C 120 -21.03 -10.81 -26.04
CA GLU C 120 -22.39 -10.73 -26.59
C GLU C 120 -22.36 -10.28 -28.04
N LEU C 121 -21.40 -9.42 -28.38
CA LEU C 121 -21.26 -8.90 -29.74
C LEU C 121 -20.82 -10.00 -30.76
N LEU C 122 -20.05 -10.97 -30.30
CA LEU C 122 -19.63 -12.10 -31.19
C LEU C 122 -20.79 -12.67 -32.00
N ASN C 123 -21.76 -13.29 -31.33
CA ASN C 123 -22.91 -13.82 -32.07
C ASN C 123 -24.03 -12.82 -32.36
N GLU C 124 -23.91 -11.61 -31.83
CA GLU C 124 -24.90 -10.57 -32.07
C GLU C 124 -24.33 -9.29 -32.73
N PRO C 125 -23.89 -9.41 -34.02
CA PRO C 125 -23.31 -8.23 -34.68
C PRO C 125 -24.29 -7.05 -34.83
N ASN C 126 -23.78 -5.82 -34.66
CA ASN C 126 -24.55 -4.62 -34.97
C ASN C 126 -24.22 -4.22 -36.40
N ILE C 127 -25.24 -4.30 -37.24
CA ILE C 127 -25.10 -4.25 -38.68
C ILE C 127 -25.20 -2.85 -39.22
N GLN C 128 -25.63 -1.93 -38.38
CA GLN C 128 -25.79 -0.54 -38.75
C GLN C 128 -24.47 0.21 -38.67
N ASP C 129 -23.44 -0.44 -38.12
CA ASP C 129 -22.11 0.14 -38.20
C ASP C 129 -21.00 -0.88 -38.39
N PRO C 130 -20.70 -1.21 -39.66
CA PRO C 130 -19.60 -2.07 -40.07
C PRO C 130 -18.20 -1.50 -39.83
N ALA C 131 -17.28 -2.35 -39.38
CA ALA C 131 -15.90 -1.89 -39.23
C ALA C 131 -14.93 -2.60 -40.21
N GLN C 132 -15.37 -3.67 -40.84
CA GLN C 132 -14.54 -4.37 -41.87
C GLN C 132 -15.37 -4.84 -43.06
N ALA C 133 -14.90 -4.56 -44.28
CA ALA C 133 -15.64 -4.91 -45.48
C ALA C 133 -16.00 -6.38 -45.57
N GLU C 134 -15.01 -7.25 -45.37
CA GLU C 134 -15.16 -8.64 -45.71
C GLU C 134 -16.26 -9.33 -44.96
N ALA C 135 -16.26 -9.19 -43.64
CA ALA C 135 -17.22 -9.94 -42.83
C ALA C 135 -18.62 -9.34 -42.94
N TYR C 136 -18.70 -8.01 -43.06
CA TYR C 136 -19.96 -7.32 -43.34
C TYR C 136 -20.60 -7.85 -44.65
N THR C 137 -19.86 -7.76 -45.75
CA THR C 137 -20.32 -8.20 -47.06
C THR C 137 -20.85 -9.65 -47.05
N ILE C 138 -20.16 -10.54 -46.34
CA ILE C 138 -20.58 -11.92 -46.33
C ILE C 138 -21.80 -12.07 -45.42
N TYR C 139 -21.79 -11.30 -44.33
CA TYR C 139 -22.90 -11.38 -43.39
C TYR C 139 -24.20 -11.03 -44.11
N CYS C 140 -24.22 -9.91 -44.79
CA CYS C 140 -25.41 -9.46 -45.53
C CYS C 140 -25.81 -10.39 -46.68
N GLN C 141 -24.84 -10.78 -47.50
CA GLN C 141 -25.14 -11.46 -48.76
C GLN C 141 -25.39 -12.99 -48.65
N ASN C 142 -24.68 -13.68 -47.77
CA ASN C 142 -24.73 -15.14 -47.65
C ASN C 142 -24.50 -15.58 -46.18
N ARG C 143 -25.57 -15.82 -45.43
CA ARG C 143 -25.42 -16.07 -44.00
C ARG C 143 -24.95 -17.50 -43.75
N VAL C 144 -25.16 -18.36 -44.74
CA VAL C 144 -24.64 -19.73 -44.72
C VAL C 144 -23.11 -19.71 -44.79
N GLU C 145 -22.54 -18.95 -45.74
CA GLU C 145 -21.08 -18.73 -45.75
C GLU C 145 -20.59 -18.11 -44.44
N TYR C 146 -21.28 -17.06 -43.96
CA TYR C 146 -20.89 -16.38 -42.73
C TYR C 146 -20.77 -17.33 -41.57
N GLU C 147 -21.85 -18.04 -41.27
CA GLU C 147 -21.84 -19.09 -40.26
C GLU C 147 -20.71 -20.10 -40.54
N LYS C 148 -20.62 -20.63 -41.75
CA LYS C 148 -19.50 -21.51 -42.11
C LYS C 148 -18.12 -20.91 -41.75
N ARG C 149 -17.85 -19.68 -42.17
N ARG C 149 -17.86 -19.67 -42.16
CA ARG C 149 -16.55 -19.09 -41.92
CA ARG C 149 -16.56 -19.05 -41.93
C ARG C 149 -16.31 -18.81 -40.44
C ARG C 149 -16.32 -18.79 -40.45
N VAL C 150 -17.41 -18.70 -39.69
CA VAL C 150 -17.36 -18.52 -38.22
C VAL C 150 -17.06 -19.84 -37.56
N ARG C 151 -17.71 -20.93 -37.97
CA ARG C 151 -17.32 -22.26 -37.44
C ARG C 151 -15.80 -22.47 -37.63
N ALA C 152 -15.28 -22.17 -38.83
CA ALA C 152 -13.85 -22.40 -39.13
C ALA C 152 -12.96 -21.63 -38.19
N GLN C 153 -13.32 -20.38 -37.97
CA GLN C 153 -12.55 -19.48 -37.13
C GLN C 153 -12.45 -20.07 -35.71
N ALA C 154 -13.59 -20.58 -35.22
CA ALA C 154 -13.64 -21.19 -33.90
C ALA C 154 -12.76 -22.44 -33.76
N LYS C 155 -12.65 -23.25 -34.83
CA LYS C 155 -11.76 -24.41 -34.86
C LYS C 155 -10.33 -23.88 -34.80
N LYS C 156 -10.01 -22.85 -35.59
CA LYS C 156 -8.67 -22.26 -35.60
C LYS C 156 -8.21 -21.72 -34.24
N PHE C 157 -9.14 -21.26 -33.40
CA PHE C 157 -8.73 -20.72 -32.08
C PHE C 157 -9.10 -21.48 -30.81
N ALA C 158 -9.36 -22.79 -30.96
CA ALA C 158 -9.61 -23.68 -29.84
C ALA C 158 -8.51 -23.59 -28.75
N PRO C 159 -8.86 -23.80 -27.46
CA PRO C 159 -7.87 -23.75 -26.37
C PRO C 159 -6.54 -24.49 -26.71
N SER C 160 -5.41 -23.90 -26.34
CA SER C 160 -4.10 -24.36 -26.81
C SER C 160 -2.96 -24.00 -25.84
N SER D 4 37.79 -22.38 -2.60
CA SER D 4 38.62 -21.22 -3.02
C SER D 4 37.81 -20.18 -3.77
N GLY D 5 36.92 -20.68 -4.64
CA GLY D 5 36.04 -19.86 -5.51
C GLY D 5 35.49 -18.60 -4.85
N ILE D 6 35.00 -18.78 -3.63
CA ILE D 6 34.46 -17.70 -2.81
C ILE D 6 35.51 -16.63 -2.48
N ALA D 7 36.64 -17.07 -1.93
CA ALA D 7 37.72 -16.18 -1.49
C ALA D 7 38.30 -15.31 -2.61
N LEU D 8 38.60 -15.92 -3.75
CA LEU D 8 39.18 -15.18 -4.88
C LEU D 8 38.28 -14.04 -5.30
N SER D 9 36.99 -14.33 -5.47
CA SER D 9 35.96 -13.34 -5.83
C SER D 9 36.04 -12.06 -5.01
N ARG D 10 36.01 -12.19 -3.69
CA ARG D 10 36.05 -11.05 -2.75
C ARG D 10 37.37 -10.28 -2.83
N LEU D 11 38.48 -11.03 -2.91
CA LEU D 11 39.81 -10.45 -3.02
C LEU D 11 40.03 -9.69 -4.33
N ALA D 12 39.47 -10.19 -5.43
CA ALA D 12 39.53 -9.50 -6.72
C ALA D 12 38.94 -8.10 -6.57
N GLN D 13 37.86 -8.04 -5.80
CA GLN D 13 37.11 -6.83 -5.54
C GLN D 13 37.77 -5.94 -4.49
N GLU D 14 38.40 -6.58 -3.50
CA GLU D 14 39.16 -5.88 -2.47
C GLU D 14 40.28 -5.07 -3.10
N ARG D 15 41.01 -5.68 -4.03
CA ARG D 15 42.10 -4.96 -4.67
C ARG D 15 41.58 -3.84 -5.56
N LYS D 16 40.48 -4.10 -6.25
CA LYS D 16 39.88 -3.12 -7.14
C LYS D 16 39.55 -1.84 -6.38
N ALA D 17 39.01 -1.99 -5.17
CA ALA D 17 38.67 -0.85 -4.31
C ALA D 17 39.91 -0.15 -3.75
N TRP D 18 40.91 -0.94 -3.37
CA TRP D 18 42.17 -0.43 -2.85
C TRP D 18 42.93 0.35 -3.92
N ARG D 19 42.85 -0.12 -5.17
CA ARG D 19 43.46 0.56 -6.32
C ARG D 19 42.81 1.91 -6.61
N LYS D 20 41.50 2.01 -6.39
CA LYS D 20 40.80 3.29 -6.53
C LYS D 20 41.20 4.24 -5.40
N ASP D 21 41.30 3.73 -4.17
CA ASP D 21 41.64 4.55 -3.00
C ASP D 21 42.20 3.74 -1.84
N HIS D 22 43.28 4.26 -1.27
CA HIS D 22 43.89 3.73 -0.06
C HIS D 22 44.39 4.91 0.79
N PRO D 23 44.77 4.67 2.06
CA PRO D 23 45.36 5.80 2.78
C PRO D 23 46.75 6.01 2.22
N PHE D 24 46.97 7.19 1.65
CA PHE D 24 48.20 7.50 0.94
C PHE D 24 49.42 7.01 1.71
N GLY D 25 50.28 6.27 1.03
CA GLY D 25 51.54 5.80 1.60
C GLY D 25 51.61 4.31 1.89
N PHE D 26 50.46 3.68 1.98
CA PHE D 26 50.38 2.24 2.25
C PHE D 26 50.61 1.43 0.98
N VAL D 27 51.06 0.18 1.14
CA VAL D 27 51.18 -0.73 0.01
C VAL D 27 50.41 -2.01 0.31
N ALA D 28 49.78 -2.56 -0.72
CA ALA D 28 49.12 -3.85 -0.67
C ALA D 28 48.88 -4.28 -2.11
N VAL D 29 49.50 -5.38 -2.51
CA VAL D 29 49.47 -5.84 -3.92
C VAL D 29 49.64 -7.37 -4.04
N PRO D 30 48.77 -8.05 -4.83
CA PRO D 30 48.87 -9.51 -4.96
C PRO D 30 50.14 -9.95 -5.66
N THR D 31 50.77 -11.01 -5.14
CA THR D 31 52.00 -11.52 -5.72
C THR D 31 51.75 -12.20 -7.06
N LYS D 32 52.81 -12.35 -7.84
CA LYS D 32 52.74 -13.10 -9.08
C LYS D 32 53.00 -14.57 -8.78
N ASN D 33 52.33 -15.47 -9.50
CA ASN D 33 52.74 -16.87 -9.57
C ASN D 33 53.75 -16.99 -10.70
N PRO D 34 54.70 -17.95 -10.60
CA PRO D 34 55.56 -18.16 -11.76
C PRO D 34 54.70 -18.42 -13.00
N ASP D 35 54.96 -17.65 -14.06
CA ASP D 35 54.18 -17.67 -15.32
C ASP D 35 52.74 -17.14 -15.13
N GLY D 36 52.60 -15.81 -15.09
CA GLY D 36 51.30 -15.16 -14.96
C GLY D 36 51.14 -14.36 -13.67
N THR D 37 50.10 -14.65 -12.87
CA THR D 37 49.08 -15.67 -13.17
C THR D 37 47.60 -15.27 -12.89
N MET D 38 47.22 -14.61 -11.78
CA MET D 38 48.05 -14.02 -10.73
C MET D 38 47.53 -14.43 -9.35
N ASN D 39 48.45 -14.64 -8.41
CA ASN D 39 48.16 -15.11 -7.05
C ASN D 39 47.50 -14.07 -6.14
N LEU D 40 46.20 -14.26 -5.87
CA LEU D 40 45.43 -13.33 -5.05
C LEU D 40 45.37 -13.70 -3.58
N MET D 41 45.91 -14.86 -3.23
CA MET D 41 45.87 -15.33 -1.84
C MET D 41 47.21 -15.15 -1.12
N ASN D 42 47.97 -14.16 -1.55
CA ASN D 42 49.29 -13.81 -0.98
C ASN D 42 49.58 -12.38 -1.40
N TRP D 43 49.77 -11.51 -0.42
CA TRP D 43 49.93 -10.08 -0.68
C TRP D 43 51.21 -9.48 -0.10
N GLU D 44 51.91 -8.71 -0.93
CA GLU D 44 53.04 -7.91 -0.49
C GLU D 44 52.52 -6.55 -0.08
N CYS D 45 52.64 -6.27 1.21
CA CYS D 45 52.04 -5.10 1.83
C CYS D 45 53.01 -4.29 2.66
N ALA D 46 52.72 -3.00 2.84
CA ALA D 46 53.60 -2.11 3.59
C ALA D 46 52.84 -1.07 4.41
N ILE D 47 53.38 -0.75 5.59
CA ILE D 47 52.78 0.20 6.50
C ILE D 47 53.77 1.28 6.93
N PRO D 48 53.42 2.56 6.69
CA PRO D 48 54.19 3.67 7.26
C PRO D 48 53.63 4.10 8.63
N GLY D 49 54.49 4.12 9.65
CA GLY D 49 54.09 4.51 11.01
C GLY D 49 53.67 5.97 11.09
N LYS D 50 52.46 6.22 11.60
CA LYS D 50 51.87 7.56 11.65
C LYS D 50 52.82 8.63 12.25
N LYS D 51 52.78 9.83 11.70
CA LYS D 51 53.68 10.92 12.11
C LYS D 51 53.35 11.44 13.53
N GLY D 52 54.34 12.04 14.17
CA GLY D 52 54.21 12.57 15.52
C GLY D 52 54.53 11.54 16.59
N THR D 53 54.81 10.32 16.14
CA THR D 53 55.10 9.20 17.01
C THR D 53 56.61 8.93 16.98
N PRO D 54 57.11 8.02 17.85
CA PRO D 54 58.46 7.50 17.60
C PRO D 54 58.54 6.66 16.31
N TRP D 55 57.41 6.06 15.93
CA TRP D 55 57.29 5.23 14.71
C TRP D 55 57.26 6.06 13.42
N GLU D 56 57.29 7.39 13.58
CA GLU D 56 57.43 8.36 12.49
C GLU D 56 58.74 8.12 11.74
N GLY D 57 58.69 8.22 10.42
CA GLY D 57 59.86 8.08 9.55
C GLY D 57 60.35 6.66 9.36
N GLY D 58 59.45 5.80 8.87
CA GLY D 58 59.77 4.39 8.63
C GLY D 58 58.65 3.65 7.91
N LEU D 59 59.03 2.60 7.18
CA LEU D 59 58.09 1.81 6.40
C LEU D 59 58.34 0.33 6.62
N PHE D 60 57.44 -0.30 7.37
CA PHE D 60 57.61 -1.67 7.83
C PHE D 60 56.78 -2.63 6.98
N LYS D 61 57.46 -3.62 6.41
CA LYS D 61 56.81 -4.54 5.48
C LYS D 61 56.24 -5.77 6.17
N LEU D 62 55.10 -6.22 5.66
CA LEU D 62 54.44 -7.44 6.12
C LEU D 62 53.85 -8.20 4.95
N ARG D 63 53.91 -9.52 5.02
CA ARG D 63 53.19 -10.38 4.09
C ARG D 63 51.80 -10.58 4.66
N MET D 64 50.84 -10.87 3.79
CA MET D 64 49.45 -11.02 4.20
C MET D 64 48.82 -12.23 3.49
N LEU D 65 48.88 -13.40 4.15
CA LEU D 65 48.41 -14.68 3.58
C LEU D 65 46.95 -14.99 3.90
N PHE D 66 46.21 -15.48 2.90
CA PHE D 66 44.78 -15.80 3.03
C PHE D 66 44.48 -17.29 2.86
N LYS D 67 43.69 -17.85 3.77
CA LYS D 67 43.20 -19.23 3.65
C LYS D 67 41.98 -19.25 2.74
N ASP D 68 41.62 -20.45 2.28
CA ASP D 68 40.49 -20.63 1.38
C ASP D 68 39.14 -20.34 2.04
N ASP D 69 39.13 -20.40 3.37
CA ASP D 69 37.96 -20.05 4.20
C ASP D 69 37.61 -18.58 4.05
N TYR D 70 38.63 -17.73 3.98
CA TYR D 70 38.47 -16.30 3.85
C TYR D 70 37.27 -16.00 2.94
N PRO D 71 36.35 -15.12 3.37
CA PRO D 71 36.41 -14.22 4.53
C PRO D 71 35.86 -14.80 5.84
N SER D 72 35.52 -16.09 5.84
CA SER D 72 35.11 -16.79 7.05
C SER D 72 36.24 -16.79 8.09
N SER D 73 37.46 -17.05 7.64
CA SER D 73 38.64 -16.90 8.48
C SER D 73 39.42 -15.64 8.09
N PRO D 74 40.18 -15.05 9.04
CA PRO D 74 41.05 -13.91 8.76
C PRO D 74 42.30 -14.32 8.01
N PRO D 75 43.05 -13.33 7.50
CA PRO D 75 44.39 -13.57 6.96
C PRO D 75 45.43 -13.71 8.09
N LYS D 76 46.48 -14.48 7.82
CA LYS D 76 47.67 -14.49 8.69
C LYS D 76 48.45 -13.27 8.27
N CYS D 77 48.92 -12.49 9.22
CA CYS D 77 49.71 -11.31 8.90
C CYS D 77 51.11 -11.51 9.47
N LYS D 78 52.11 -11.57 8.60
CA LYS D 78 53.52 -11.74 9.02
C LYS D 78 54.39 -10.58 8.60
N PHE D 79 55.08 -9.97 9.56
CA PHE D 79 56.06 -8.94 9.23
C PHE D 79 57.31 -9.57 8.67
N GLU D 80 57.72 -9.09 7.50
CA GLU D 80 58.94 -9.57 6.86
C GLU D 80 59.96 -8.42 6.76
N PRO D 81 61.04 -8.49 7.56
CA PRO D 81 61.37 -9.53 8.54
C PRO D 81 60.67 -9.32 9.90
N PRO D 82 60.81 -10.27 10.85
CA PRO D 82 60.30 -10.11 12.20
C PRO D 82 60.57 -8.73 12.78
N LEU D 83 59.55 -8.18 13.39
CA LEU D 83 59.64 -6.86 13.98
C LEU D 83 59.68 -6.87 15.49
N PHE D 84 60.42 -5.89 16.02
CA PHE D 84 60.45 -5.61 17.45
C PHE D 84 59.17 -4.89 17.85
N HIS D 85 58.30 -5.62 18.54
CA HIS D 85 57.02 -5.12 19.02
C HIS D 85 56.47 -6.16 19.99
N PRO D 86 56.02 -5.72 21.19
CA PRO D 86 55.51 -6.63 22.22
C PRO D 86 54.41 -7.55 21.73
N ASN D 87 53.61 -7.06 20.77
CA ASN D 87 52.47 -7.76 20.22
C ASN D 87 52.77 -8.55 18.95
N VAL D 88 54.02 -8.55 18.51
CA VAL D 88 54.43 -9.27 17.30
C VAL D 88 55.30 -10.46 17.65
N TYR D 89 54.88 -11.66 17.22
CA TYR D 89 55.63 -12.91 17.43
C TYR D 89 57.02 -12.88 16.76
N PRO D 90 58.05 -13.51 17.38
CA PRO D 90 59.40 -13.63 16.82
C PRO D 90 59.52 -14.28 15.44
N SER D 91 58.41 -14.80 14.91
CA SER D 91 58.39 -15.29 13.55
C SER D 91 57.81 -14.23 12.62
N GLY D 92 57.34 -13.11 13.19
CA GLY D 92 56.78 -11.98 12.43
C GLY D 92 55.26 -11.82 12.40
N THR D 93 54.53 -12.81 12.91
CA THR D 93 53.06 -12.83 12.88
C THR D 93 52.43 -11.84 13.86
N VAL D 94 51.58 -10.96 13.33
CA VAL D 94 50.89 -9.97 14.15
C VAL D 94 49.77 -10.65 14.95
N CYS D 95 49.85 -10.50 16.26
CA CYS D 95 48.87 -11.07 17.18
C CYS D 95 47.88 -9.98 17.56
N LEU D 96 46.62 -10.15 17.14
CA LEU D 96 45.58 -9.13 17.38
C LEU D 96 44.18 -9.70 17.36
N SER D 97 43.34 -9.17 18.24
CA SER D 97 41.94 -9.60 18.37
C SER D 97 41.18 -9.67 17.04
N ILE D 98 41.17 -8.58 16.27
CA ILE D 98 40.44 -8.56 14.98
C ILE D 98 41.05 -9.54 13.96
N LEU D 99 42.16 -10.14 14.31
CA LEU D 99 42.87 -11.04 13.41
C LEU D 99 42.83 -12.48 13.92
N GLU D 100 42.08 -12.68 15.01
CA GLU D 100 41.84 -13.99 15.62
C GLU D 100 40.47 -14.52 15.16
N GLU D 101 40.49 -15.72 14.61
CA GLU D 101 39.33 -16.36 13.99
C GLU D 101 38.10 -16.32 14.90
N ASP D 102 38.21 -16.93 16.07
CA ASP D 102 37.07 -17.10 16.96
C ASP D 102 36.96 -16.03 18.05
N LYS D 103 37.52 -14.86 17.79
CA LYS D 103 37.49 -13.75 18.76
C LYS D 103 36.85 -12.48 18.19
N ASP D 104 37.63 -11.65 17.48
CA ASP D 104 37.15 -10.37 16.93
C ASP D 104 37.22 -10.23 15.41
N TRP D 105 37.58 -11.29 14.71
CA TRP D 105 37.46 -11.30 13.25
C TRP D 105 35.99 -11.36 12.84
N ARG D 106 35.65 -10.59 11.80
CA ARG D 106 34.32 -10.59 11.22
C ARG D 106 34.47 -10.59 9.69
N PRO D 107 33.61 -11.35 8.96
CA PRO D 107 33.78 -11.51 7.51
C PRO D 107 33.73 -10.20 6.70
N ALA D 108 33.14 -9.15 7.27
CA ALA D 108 33.05 -7.85 6.60
C ALA D 108 34.38 -7.07 6.57
N ILE D 109 35.25 -7.32 7.53
CA ILE D 109 36.46 -6.52 7.72
C ILE D 109 37.37 -6.50 6.47
N THR D 110 37.60 -5.29 5.96
CA THR D 110 38.39 -5.07 4.73
C THR D 110 39.87 -5.15 5.02
N ILE D 111 40.65 -5.31 3.96
CA ILE D 111 42.11 -5.28 4.03
C ILE D 111 42.56 -3.91 4.52
N LYS D 112 41.91 -2.89 3.96
CA LYS D 112 42.10 -1.50 4.37
C LYS D 112 42.09 -1.38 5.91
N GLN D 113 41.01 -1.87 6.53
CA GLN D 113 40.82 -1.78 7.97
C GLN D 113 41.81 -2.64 8.77
N ILE D 114 42.31 -3.71 8.15
CA ILE D 114 43.35 -4.54 8.76
C ILE D 114 44.64 -3.74 8.87
N LEU D 115 45.07 -3.20 7.75
CA LEU D 115 46.32 -2.45 7.69
C LEU D 115 46.32 -1.22 8.59
N LEU D 116 45.18 -0.54 8.65
CA LEU D 116 44.98 0.57 9.58
C LEU D 116 44.99 0.09 11.02
N GLY D 117 44.29 -1.01 11.29
CA GLY D 117 44.26 -1.63 12.61
C GLY D 117 45.63 -2.06 13.12
N ILE D 118 46.50 -2.50 12.19
CA ILE D 118 47.85 -2.88 12.53
C ILE D 118 48.66 -1.62 12.76
N GLN D 119 48.47 -0.62 11.90
CA GLN D 119 49.15 0.66 12.04
C GLN D 119 48.85 1.29 13.40
N GLU D 120 47.59 1.24 13.84
CA GLU D 120 47.20 1.80 15.14
C GLU D 120 47.64 0.91 16.32
N LEU D 121 48.06 -0.33 16.02
CA LEU D 121 48.64 -1.23 17.04
C LEU D 121 50.10 -0.89 17.26
N LEU D 122 50.70 -0.19 16.30
CA LEU D 122 52.14 0.10 16.35
C LEU D 122 52.58 0.89 17.57
N ASN D 123 52.08 2.12 17.73
CA ASN D 123 52.50 2.95 18.87
C ASN D 123 51.78 2.56 20.16
N GLU D 124 50.49 2.21 20.04
CA GLU D 124 49.66 1.80 21.18
C GLU D 124 49.62 0.26 21.31
N PRO D 125 50.42 -0.31 22.23
CA PRO D 125 50.47 -1.77 22.31
C PRO D 125 49.50 -2.35 23.32
N ASN D 126 49.27 -3.65 23.21
CA ASN D 126 48.33 -4.37 24.05
C ASN D 126 49.06 -5.20 25.10
N ILE D 127 49.40 -4.54 26.22
CA ILE D 127 50.18 -5.12 27.33
C ILE D 127 49.72 -6.51 27.77
N GLN D 128 48.44 -6.65 28.11
CA GLN D 128 47.90 -7.93 28.58
C GLN D 128 48.10 -9.09 27.58
N ASP D 129 48.36 -8.76 26.31
CA ASP D 129 48.58 -9.75 25.24
C ASP D 129 49.99 -9.68 24.66
N PRO D 130 50.92 -10.48 25.21
CA PRO D 130 52.31 -10.55 24.74
C PRO D 130 52.59 -11.63 23.68
N ALA D 131 53.40 -11.29 22.68
CA ALA D 131 53.82 -12.22 21.63
C ALA D 131 55.34 -12.41 21.59
N GLN D 132 56.07 -11.38 22.03
CA GLN D 132 57.52 -11.34 21.99
C GLN D 132 58.11 -10.99 23.35
N ALA D 133 58.77 -11.96 23.98
CA ALA D 133 59.39 -11.78 25.31
C ALA D 133 60.20 -10.50 25.45
N GLU D 134 61.25 -10.38 24.64
CA GLU D 134 62.22 -9.29 24.76
C GLU D 134 61.58 -7.89 24.73
N ALA D 135 60.66 -7.67 23.79
CA ALA D 135 59.96 -6.39 23.65
C ALA D 135 59.04 -6.07 24.83
N TYR D 136 58.42 -7.11 25.38
CA TYR D 136 57.58 -6.97 26.58
C TYR D 136 58.48 -6.60 27.75
N THR D 137 59.47 -7.46 27.99
CA THR D 137 60.45 -7.28 29.06
C THR D 137 60.87 -5.81 29.21
N ILE D 138 61.02 -5.12 28.08
CA ILE D 138 61.44 -3.71 28.08
C ILE D 138 60.32 -2.77 28.48
N TYR D 139 59.23 -2.81 27.71
CA TYR D 139 58.10 -1.90 27.86
C TYR D 139 57.55 -1.81 29.29
N CYS D 140 57.84 -2.83 30.11
CA CYS D 140 57.34 -2.92 31.48
C CYS D 140 58.16 -2.24 32.58
N GLN D 141 59.30 -1.64 32.21
CA GLN D 141 60.18 -1.03 33.22
C GLN D 141 60.93 0.22 32.75
N ASN D 142 61.49 0.16 31.54
CA ASN D 142 62.23 1.31 30.99
C ASN D 142 61.76 1.66 29.57
N ARG D 143 60.83 2.62 29.51
CA ARG D 143 60.14 3.04 28.27
C ARG D 143 61.05 3.68 27.21
N VAL D 144 62.00 4.48 27.66
CA VAL D 144 62.92 5.20 26.75
C VAL D 144 63.87 4.23 26.01
N GLU D 145 64.19 3.10 26.65
CA GLU D 145 64.94 2.01 26.00
C GLU D 145 64.11 1.37 24.87
N TYR D 146 62.79 1.35 25.06
CA TYR D 146 61.88 0.91 24.01
C TYR D 146 61.74 2.01 22.95
N GLU D 147 61.79 3.26 23.40
CA GLU D 147 61.59 4.41 22.52
C GLU D 147 62.66 4.57 21.45
N LYS D 148 63.92 4.66 21.84
CA LYS D 148 65.02 4.76 20.88
C LYS D 148 65.19 3.46 20.07
N ARG D 149 64.69 2.36 20.62
CA ARG D 149 64.60 1.08 19.90
C ARG D 149 63.64 1.20 18.71
N VAL D 150 62.49 1.83 18.95
CA VAL D 150 61.49 2.10 17.89
C VAL D 150 62.03 3.15 16.92
N ARG D 151 62.62 4.21 17.46
CA ARG D 151 63.26 5.29 16.69
C ARG D 151 64.30 4.69 15.74
N ALA D 152 65.16 3.82 16.26
CA ALA D 152 66.22 3.18 15.47
C ALA D 152 65.69 2.17 14.46
N GLN D 153 64.64 1.44 14.82
CA GLN D 153 64.01 0.47 13.93
C GLN D 153 63.39 1.15 12.72
N ALA D 154 62.71 2.28 12.96
CA ALA D 154 62.15 3.11 11.89
C ALA D 154 63.24 3.69 11.01
N LYS D 155 64.37 4.06 11.63
CA LYS D 155 65.55 4.57 10.94
C LYS D 155 66.20 3.54 10.01
N LYS D 156 65.99 2.25 10.31
CA LYS D 156 66.51 1.16 9.49
C LYS D 156 65.77 1.06 8.14
N PHE D 157 64.55 1.59 8.09
CA PHE D 157 63.70 1.48 6.89
C PHE D 157 63.48 2.82 6.15
N ALA D 158 64.13 2.93 4.98
CA ALA D 158 64.12 4.12 4.11
C ALA D 158 62.71 4.51 3.65
N PRO D 159 62.38 5.83 3.67
CA PRO D 159 61.00 6.25 3.36
C PRO D 159 60.74 6.38 1.88
#